data_3RO0
#
_entry.id   3RO0
#
_cell.length_a   290.320
_cell.length_b   45.520
_cell.length_c   67.990
_cell.angle_alpha   90.00
_cell.angle_beta   91.48
_cell.angle_gamma   90.00
#
_symmetry.space_group_name_H-M   'C 1 2 1'
#
loop_
_entity.id
_entity.type
_entity.pdbx_description
1 polymer 'Pyrrolidone-carboxylate peptidase'
2 non-polymer "2,2':6',2''-TERPYRIDINE PLATINUM(II) Chloride"
3 water water
#
_entity_poly.entity_id   1
_entity_poly.type   'polypeptide(L)'
_entity_poly.pdbx_seq_one_letter_code
;MEKKVLLTGFDPFGGETVNPSWEAVKRLNGAAEGPASIVSEQVPTVFYKSLAVLREAMKKHQPDIIICVGQAGGRMQITP
ERVAINLNEARIPDNEGNQPVGEDISQGGPAAYWTGLPIKRIVEEIKKEGIPAAVSYTAGTFVCNHLFYGLMDEISRHHP
HIRGGFIHIPYIPEQTLQKSAPSLSLDHITKALKIAAVTAAAHEDDIETGGGELHLEHHHHHH
;
_entity_poly.pdbx_strand_id   A,B,C,D
#
loop_
_chem_comp.id
_chem_comp.type
_chem_comp.name
_chem_comp.formula
TPT non-polymer '2,2':6',2''-TERPYRIDINE PLATINUM(II) Chloride' 'C15 H11 Cl N3 Pt 1'
#
# COMPACT_ATOMS: atom_id res chain seq x y z
N GLU A 2 39.43 19.05 -2.99
CA GLU A 2 38.42 18.59 -3.98
C GLU A 2 38.36 17.08 -3.76
N LYS A 3 37.17 16.47 -3.83
CA LYS A 3 37.08 15.03 -3.59
C LYS A 3 36.55 14.32 -4.80
N LYS A 4 37.05 13.14 -5.10
CA LYS A 4 36.55 12.42 -6.24
C LYS A 4 35.49 11.44 -5.71
N VAL A 5 34.30 11.51 -6.30
CA VAL A 5 33.17 10.69 -5.90
C VAL A 5 32.85 9.72 -7.03
N LEU A 6 32.96 8.45 -6.74
CA LEU A 6 32.63 7.41 -7.73
C LEU A 6 31.18 6.98 -7.44
N LEU A 7 30.30 7.10 -8.45
CA LEU A 7 28.92 6.62 -8.29
C LEU A 7 28.83 5.37 -9.19
N THR A 8 28.06 4.38 -8.79
CA THR A 8 27.83 3.23 -9.65
C THR A 8 26.30 3.05 -9.77
N GLY A 9 25.92 2.49 -10.90
CA GLY A 9 24.51 2.14 -11.17
C GLY A 9 24.53 0.79 -11.82
N PHE A 10 23.45 0.05 -11.67
CA PHE A 10 23.34 -1.29 -12.23
C PHE A 10 22.65 -1.28 -13.54
N ASP A 11 22.97 -2.29 -14.31
CA ASP A 11 22.28 -2.53 -15.59
C ASP A 11 20.86 -3.09 -15.31
N PRO A 12 19.95 -3.08 -16.31
CA PRO A 12 18.58 -3.57 -16.10
C PRO A 12 18.54 -5.02 -15.67
N PHE A 13 17.63 -5.39 -14.75
CA PHE A 13 17.51 -6.78 -14.28
C PHE A 13 16.05 -7.20 -14.41
N GLY A 14 15.80 -8.51 -14.27
CA GLY A 14 14.46 -9.02 -14.35
C GLY A 14 14.04 -8.74 -15.77
N GLY A 15 12.76 -8.56 -16.01
CA GLY A 15 12.40 -8.26 -17.38
C GLY A 15 12.58 -6.79 -17.75
N GLU A 16 13.11 -5.95 -16.86
CA GLU A 16 13.25 -4.51 -17.15
C GLU A 16 14.16 -4.22 -18.36
N THR A 17 13.99 -3.04 -18.97
CA THR A 17 14.83 -2.64 -20.11
C THR A 17 15.61 -1.41 -19.67
N VAL A 18 15.27 -0.86 -18.50
CA VAL A 18 16.01 0.30 -18.01
C VAL A 18 16.21 0.09 -16.52
N ASN A 19 17.25 0.73 -15.98
CA ASN A 19 17.50 0.69 -14.55
C ASN A 19 17.76 2.12 -14.32
N PRO A 20 16.89 2.79 -13.52
CA PRO A 20 17.05 4.19 -13.24
C PRO A 20 18.35 4.41 -12.50
N SER A 21 18.93 3.37 -11.86
CA SER A 21 20.16 3.66 -11.11
C SER A 21 21.28 4.02 -12.09
N TRP A 22 21.43 3.25 -13.15
CA TRP A 22 22.45 3.62 -14.15
C TRP A 22 22.01 4.86 -14.94
N GLU A 23 20.74 4.96 -15.35
CA GLU A 23 20.36 6.17 -16.09
C GLU A 23 20.64 7.44 -15.31
N ALA A 24 20.38 7.44 -13.98
CA ALA A 24 20.65 8.62 -13.19
C ALA A 24 22.15 8.83 -12.99
N VAL A 25 22.90 7.79 -12.60
CA VAL A 25 24.30 8.08 -12.39
C VAL A 25 25.06 8.40 -13.67
N LYS A 26 24.64 7.83 -14.79
CA LYS A 26 25.33 8.15 -16.07
C LYS A 26 25.24 9.66 -16.37
N ARG A 27 24.11 10.27 -16.05
CA ARG A 27 23.95 11.71 -16.22
C ARG A 27 24.89 12.57 -15.40
N LEU A 28 25.37 12.04 -14.27
CA LEU A 28 26.25 12.77 -13.40
C LEU A 28 27.73 12.53 -13.68
N ASN A 29 28.05 11.64 -14.62
CA ASN A 29 29.47 11.42 -14.96
C ASN A 29 30.06 12.77 -15.40
N GLY A 30 31.23 13.13 -14.85
CA GLY A 30 31.81 14.44 -15.22
C GLY A 30 31.26 15.65 -14.53
N ALA A 31 30.23 15.49 -13.67
CA ALA A 31 29.66 16.63 -12.98
C ALA A 31 30.55 17.07 -11.85
N ALA A 32 30.61 18.38 -11.59
CA ALA A 32 31.39 18.86 -10.46
C ALA A 32 30.63 20.02 -9.85
N GLU A 33 30.61 20.07 -8.54
CA GLU A 33 29.93 21.12 -7.82
C GLU A 33 30.58 21.18 -6.47
N GLY A 34 30.98 22.38 -6.07
CA GLY A 34 31.62 22.53 -4.80
C GLY A 34 32.84 21.65 -4.66
N PRO A 35 32.93 20.89 -3.57
CA PRO A 35 34.04 20.00 -3.28
C PRO A 35 33.92 18.64 -3.97
N ALA A 36 32.88 18.46 -4.78
CA ALA A 36 32.76 17.19 -5.46
C ALA A 36 33.02 17.17 -6.96
N SER A 37 33.79 16.16 -7.38
CA SER A 37 34.03 15.83 -8.79
C SER A 37 33.52 14.38 -8.98
N ILE A 38 32.51 14.20 -9.82
CA ILE A 38 31.88 12.87 -9.98
C ILE A 38 32.27 12.09 -11.19
N VAL A 39 32.50 10.81 -10.97
CA VAL A 39 32.75 9.85 -12.06
C VAL A 39 31.79 8.71 -11.85
N SER A 40 31.28 8.15 -12.95
CA SER A 40 30.29 7.05 -12.87
C SER A 40 30.70 5.81 -13.58
N GLU A 41 30.36 4.66 -13.01
CA GLU A 41 30.65 3.37 -13.62
C GLU A 41 29.47 2.45 -13.49
N GLN A 42 29.23 1.63 -14.50
CA GLN A 42 28.13 0.69 -14.45
C GLN A 42 28.59 -0.65 -13.86
N VAL A 43 27.73 -1.28 -13.06
CA VAL A 43 28.05 -2.59 -12.49
C VAL A 43 26.97 -3.59 -12.97
N PRO A 44 27.37 -4.81 -13.32
CA PRO A 44 26.38 -5.79 -13.79
C PRO A 44 25.55 -6.33 -12.64
N THR A 45 24.28 -6.66 -12.90
CA THR A 45 23.43 -7.19 -11.85
C THR A 45 23.67 -8.69 -11.75
N VAL A 46 24.85 -9.02 -11.23
CA VAL A 46 25.32 -10.39 -11.10
C VAL A 46 26.11 -10.48 -9.78
N PHE A 47 25.78 -11.49 -9.02
CA PHE A 47 26.49 -11.73 -7.78
C PHE A 47 27.94 -12.04 -8.10
N TYR A 48 28.83 -11.63 -7.22
CA TYR A 48 30.28 -11.94 -7.32
C TYR A 48 30.98 -11.10 -8.41
N LYS A 49 30.49 -11.17 -9.63
CA LYS A 49 31.03 -10.38 -10.72
C LYS A 49 30.86 -8.89 -10.45
N SER A 50 29.74 -8.52 -9.82
CA SER A 50 29.50 -7.09 -9.50
C SER A 50 30.64 -6.52 -8.64
N LEU A 51 31.05 -7.33 -7.67
CA LEU A 51 32.12 -6.90 -6.76
C LEU A 51 33.46 -6.79 -7.48
N ALA A 52 33.70 -7.70 -8.42
CA ALA A 52 34.95 -7.64 -9.23
C ALA A 52 34.98 -6.33 -10.07
N VAL A 53 33.82 -5.96 -10.65
CA VAL A 53 33.76 -4.75 -11.43
C VAL A 53 33.91 -3.52 -10.56
N LEU A 54 33.32 -3.56 -9.37
CA LEU A 54 33.51 -2.44 -8.46
C LEU A 54 34.99 -2.32 -8.10
N ARG A 55 35.67 -3.43 -7.83
CA ARG A 55 37.08 -3.32 -7.46
C ARG A 55 37.86 -2.70 -8.61
N GLU A 56 37.49 -3.02 -9.82
CA GLU A 56 38.23 -2.46 -10.97
C GLU A 56 37.99 -0.96 -11.10
N ALA A 57 36.77 -0.53 -10.79
CA ALA A 57 36.46 0.88 -10.89
C ALA A 57 37.18 1.62 -9.79
N MET A 58 37.35 0.97 -8.64
CA MET A 58 38.02 1.57 -7.52
C MET A 58 39.51 1.77 -7.89
N LYS A 59 40.10 0.79 -8.56
CA LYS A 59 41.50 0.89 -8.96
C LYS A 59 41.65 1.96 -10.06
N LYS A 60 40.72 2.02 -11.00
CA LYS A 60 40.76 3.01 -12.07
C LYS A 60 40.65 4.46 -11.58
N HIS A 61 39.72 4.71 -10.68
CA HIS A 61 39.46 6.06 -10.23
C HIS A 61 40.03 6.55 -8.94
N GLN A 62 40.47 5.63 -8.08
CA GLN A 62 41.04 6.05 -6.79
C GLN A 62 40.15 7.08 -6.14
N PRO A 63 38.84 6.74 -5.98
CA PRO A 63 37.92 7.69 -5.39
C PRO A 63 38.10 7.89 -3.91
N ASP A 64 37.67 9.06 -3.43
CA ASP A 64 37.67 9.38 -2.01
C ASP A 64 36.33 8.95 -1.40
N ILE A 65 35.29 8.96 -2.24
CA ILE A 65 33.93 8.68 -1.75
C ILE A 65 33.31 7.75 -2.78
N ILE A 66 32.55 6.76 -2.32
CA ILE A 66 31.86 5.84 -3.24
C ILE A 66 30.42 5.76 -2.87
N ILE A 67 29.53 6.02 -3.85
CA ILE A 67 28.08 5.86 -3.56
C ILE A 67 27.55 4.89 -4.60
N CYS A 68 27.17 3.66 -4.18
CA CYS A 68 26.61 2.67 -5.10
C CYS A 68 25.12 2.89 -5.05
N VAL A 69 24.48 2.89 -6.23
CA VAL A 69 23.04 3.18 -6.33
C VAL A 69 22.31 1.97 -6.93
N GLY A 70 21.11 1.73 -6.43
CA GLY A 70 20.30 0.61 -6.94
C GLY A 70 18.83 0.98 -6.89
N GLN A 71 18.03 0.23 -7.62
CA GLN A 71 16.59 0.43 -7.67
C GLN A 71 15.86 -0.41 -6.59
N ALA A 72 14.97 0.22 -5.81
CA ALA A 72 14.12 -0.49 -4.83
C ALA A 72 12.68 -0.22 -5.27
N GLY A 73 12.23 -0.97 -6.26
CA GLY A 73 10.83 -0.77 -6.74
C GLY A 73 9.84 -0.87 -5.61
N GLY A 74 8.91 0.10 -5.57
CA GLY A 74 7.93 0.10 -4.52
C GLY A 74 8.18 1.22 -3.52
N ARG A 75 9.44 1.64 -3.37
CA ARG A 75 9.70 2.71 -2.46
C ARG A 75 9.24 4.07 -3.05
N MET A 76 8.99 5.01 -2.18
CA MET A 76 8.44 6.31 -2.57
C MET A 76 9.40 7.45 -2.23
N GLN A 77 10.63 7.11 -1.80
CA GLN A 77 11.57 8.16 -1.39
C GLN A 77 12.96 7.74 -1.83
N ILE A 78 13.89 8.68 -1.89
CA ILE A 78 15.31 8.36 -2.10
C ILE A 78 15.72 7.81 -0.73
N THR A 79 16.31 6.63 -0.70
CA THR A 79 16.66 6.04 0.59
C THR A 79 18.11 5.58 0.80
N PRO A 80 18.92 6.46 1.39
CA PRO A 80 20.29 6.05 1.71
C PRO A 80 20.14 4.88 2.72
N GLU A 81 21.01 3.87 2.64
CA GLU A 81 20.97 2.67 3.48
C GLU A 81 21.91 2.75 4.68
N ARG A 82 21.39 2.41 5.86
CA ARG A 82 22.21 2.43 7.08
C ARG A 82 23.08 1.22 7.22
N VAL A 83 22.63 0.08 6.71
CA VAL A 83 23.35 -1.17 7.02
C VAL A 83 23.30 -2.24 5.96
N ALA A 84 24.45 -2.86 5.75
CA ALA A 84 24.61 -3.94 4.79
C ALA A 84 24.74 -5.25 5.55
N ILE A 85 24.11 -6.34 5.11
CA ILE A 85 24.20 -7.63 5.84
C ILE A 85 24.90 -8.70 5.02
N ASN A 86 25.53 -9.62 5.71
CA ASN A 86 26.40 -10.67 5.12
C ASN A 86 25.61 -11.84 4.66
N LEU A 87 24.77 -11.61 3.67
CA LEU A 87 23.86 -12.66 3.24
C LEU A 87 23.39 -12.48 1.79
N ASN A 88 23.52 -13.52 0.97
CA ASN A 88 22.97 -13.55 -0.40
C ASN A 88 21.72 -14.42 -0.28
N GLU A 89 20.53 -13.86 -0.53
CA GLU A 89 19.28 -14.62 -0.42
C GLU A 89 18.45 -14.10 -1.55
N ALA A 90 18.55 -14.78 -2.68
CA ALA A 90 17.90 -14.31 -3.88
C ALA A 90 16.50 -14.91 -4.15
N ARG A 91 15.51 -14.05 -4.28
CA ARG A 91 14.14 -14.46 -4.57
C ARG A 91 14.00 -14.80 -6.08
N ILE A 92 14.85 -14.19 -6.92
CA ILE A 92 14.87 -14.45 -8.35
C ILE A 92 16.35 -14.58 -8.71
N PRO A 93 16.66 -15.15 -9.88
CA PRO A 93 18.05 -15.29 -10.26
C PRO A 93 18.60 -13.91 -10.72
N ASP A 94 19.93 -13.79 -10.66
CA ASP A 94 20.60 -12.62 -11.18
C ASP A 94 20.68 -12.72 -12.72
N ASN A 95 21.36 -11.76 -13.38
CA ASN A 95 21.34 -11.74 -14.84
C ASN A 95 22.07 -12.92 -15.49
N GLU A 96 22.83 -13.68 -14.73
CA GLU A 96 23.48 -14.84 -15.31
C GLU A 96 22.92 -16.14 -14.73
N GLY A 97 21.80 -16.06 -14.01
CA GLY A 97 21.17 -17.24 -13.45
C GLY A 97 21.52 -17.67 -12.03
N ASN A 98 22.42 -16.94 -11.35
CA ASN A 98 22.79 -17.35 -9.99
C ASN A 98 21.62 -17.01 -9.06
N GLN A 99 21.27 -17.92 -8.17
CA GLN A 99 20.21 -17.65 -7.23
C GLN A 99 20.60 -18.24 -5.88
N PRO A 100 21.58 -17.59 -5.23
CA PRO A 100 22.04 -18.05 -3.93
C PRO A 100 21.01 -17.93 -2.84
N VAL A 101 21.05 -18.90 -1.95
CA VAL A 101 20.14 -18.95 -0.82
C VAL A 101 20.97 -19.29 0.41
N GLY A 102 20.78 -18.51 1.47
CA GLY A 102 21.45 -18.75 2.73
C GLY A 102 22.96 -18.72 2.67
N GLU A 103 23.50 -17.88 1.80
CA GLU A 103 24.94 -17.83 1.54
C GLU A 103 25.67 -16.66 2.11
N ASP A 104 26.81 -16.92 2.77
CA ASP A 104 27.57 -15.79 3.28
C ASP A 104 28.21 -15.01 2.13
N ILE A 105 28.31 -13.69 2.24
CA ILE A 105 29.02 -12.94 1.20
C ILE A 105 30.52 -13.05 1.52
N SER A 106 30.91 -12.92 2.78
CA SER A 106 32.31 -13.07 3.22
C SER A 106 32.29 -14.08 4.34
N GLN A 107 32.92 -15.23 4.11
CA GLN A 107 32.95 -16.29 5.11
C GLN A 107 33.77 -15.78 6.30
N GLY A 108 33.23 -15.81 7.50
CA GLY A 108 33.96 -15.25 8.63
C GLY A 108 33.95 -13.71 8.71
N GLY A 109 33.22 -13.05 7.81
CA GLY A 109 33.16 -11.58 7.85
C GLY A 109 32.10 -11.21 8.85
N PRO A 110 31.96 -9.91 9.26
CA PRO A 110 30.93 -9.59 10.24
C PRO A 110 29.51 -9.76 9.69
N ALA A 111 28.53 -9.89 10.59
CA ALA A 111 27.14 -10.07 10.16
C ALA A 111 26.69 -8.85 9.39
N ALA A 112 27.17 -7.68 9.77
CA ALA A 112 26.84 -6.46 9.08
C ALA A 112 27.95 -5.43 9.07
N TYR A 113 27.81 -4.48 8.13
CA TYR A 113 28.64 -3.29 8.08
C TYR A 113 27.73 -2.08 8.04
N TRP A 114 28.07 -1.05 8.79
CA TRP A 114 27.37 0.19 8.71
C TRP A 114 27.84 1.02 7.51
N THR A 115 26.96 1.88 7.01
CA THR A 115 27.38 2.77 5.95
C THR A 115 28.47 3.73 6.47
N GLY A 116 29.31 4.16 5.55
CA GLY A 116 30.34 5.15 5.84
C GLY A 116 29.96 6.57 5.38
N LEU A 117 28.75 6.75 4.81
CA LEU A 117 28.31 8.07 4.34
C LEU A 117 27.51 8.79 5.42
N PRO A 118 27.46 10.14 5.35
CA PRO A 118 26.69 10.92 6.34
C PRO A 118 25.24 10.95 5.85
N ILE A 119 24.55 9.81 6.06
CA ILE A 119 23.22 9.71 5.46
C ILE A 119 22.14 10.58 6.04
N LYS A 120 22.24 10.99 7.31
CA LYS A 120 21.21 11.88 7.84
C LYS A 120 21.34 13.26 7.22
N ARG A 121 22.57 13.73 7.06
CA ARG A 121 22.82 14.99 6.37
C ARG A 121 22.30 14.87 4.93
N ILE A 122 22.58 13.73 4.29
CA ILE A 122 22.14 13.55 2.89
C ILE A 122 20.62 13.60 2.78
N VAL A 123 19.92 12.88 3.65
CA VAL A 123 18.45 12.91 3.64
C VAL A 123 17.93 14.36 3.85
N GLU A 124 18.53 15.07 4.79
CA GLU A 124 18.04 16.44 5.01
C GLU A 124 18.30 17.39 3.86
N GLU A 125 19.46 17.27 3.18
CA GLU A 125 19.78 18.14 2.05
C GLU A 125 18.89 17.79 0.86
N ILE A 126 18.52 16.50 0.72
CA ILE A 126 17.63 16.18 -0.39
C ILE A 126 16.23 16.75 -0.09
N LYS A 127 15.73 16.62 1.15
CA LYS A 127 14.39 17.13 1.48
C LYS A 127 14.37 18.65 1.33
N LYS A 128 15.51 19.29 1.62
CA LYS A 128 15.57 20.77 1.49
C LYS A 128 15.28 21.21 0.08
N GLU A 129 15.62 20.36 -0.88
CA GLU A 129 15.38 20.61 -2.27
C GLU A 129 14.02 20.15 -2.78
N GLY A 130 13.16 19.71 -1.85
CA GLY A 130 11.81 19.31 -2.20
C GLY A 130 11.62 17.92 -2.74
N ILE A 131 12.61 17.05 -2.48
CA ILE A 131 12.54 15.67 -2.97
C ILE A 131 12.43 14.78 -1.74
N PRO A 132 11.52 13.77 -1.73
CA PRO A 132 11.37 12.90 -0.54
C PRO A 132 12.55 11.98 -0.32
N ALA A 133 12.92 11.83 0.94
CA ALA A 133 14.10 10.97 1.28
C ALA A 133 13.98 10.51 2.71
N ALA A 134 14.50 9.30 2.98
CA ALA A 134 14.51 8.77 4.35
C ALA A 134 15.57 7.73 4.48
N VAL A 135 16.06 7.52 5.68
CA VAL A 135 17.03 6.44 5.89
C VAL A 135 16.25 5.11 5.84
N SER A 136 16.87 4.10 5.22
CA SER A 136 16.36 2.73 5.18
C SER A 136 17.32 1.88 6.03
N TYR A 137 16.76 0.84 6.69
CA TYR A 137 17.53 -0.07 7.54
C TYR A 137 17.63 -1.49 6.99
N THR A 138 17.15 -1.67 5.76
CA THR A 138 17.39 -2.93 5.07
C THR A 138 17.57 -2.62 3.59
N ALA A 139 18.68 -3.10 3.04
CA ALA A 139 18.98 -2.96 1.60
C ALA A 139 18.61 -4.24 0.88
N GLY A 140 17.83 -5.10 1.52
CA GLY A 140 17.44 -6.36 0.85
C GLY A 140 18.53 -7.37 0.97
N THR A 141 18.39 -8.44 0.18
CA THR A 141 19.34 -9.55 0.21
C THR A 141 19.72 -9.97 -1.21
N PHE A 142 19.44 -9.09 -2.19
CA PHE A 142 19.76 -9.37 -3.59
C PHE A 142 21.11 -8.75 -3.96
N VAL A 143 21.30 -8.45 -5.25
CA VAL A 143 22.59 -7.92 -5.66
C VAL A 143 22.91 -6.55 -5.09
N CYS A 144 21.90 -5.72 -4.81
CA CYS A 144 22.20 -4.38 -4.28
C CYS A 144 22.83 -4.49 -2.90
N ASN A 145 22.21 -5.27 -1.99
CA ASN A 145 22.80 -5.42 -0.65
C ASN A 145 24.16 -6.10 -0.79
N HIS A 146 24.30 -7.02 -1.75
CA HIS A 146 25.58 -7.76 -1.95
C HIS A 146 26.69 -6.78 -2.27
N LEU A 147 26.41 -5.87 -3.20
CA LEU A 147 27.38 -4.85 -3.61
C LEU A 147 27.67 -3.91 -2.43
N PHE A 148 26.64 -3.58 -1.66
CA PHE A 148 26.85 -2.68 -0.52
C PHE A 148 27.75 -3.37 0.53
N TYR A 149 27.46 -4.63 0.87
CA TYR A 149 28.30 -5.34 1.85
C TYR A 149 29.73 -5.48 1.30
N GLY A 150 29.83 -5.88 0.04
CA GLY A 150 31.16 -6.03 -0.55
C GLY A 150 31.95 -4.74 -0.58
N LEU A 151 31.29 -3.63 -0.84
CA LEU A 151 31.96 -2.34 -0.83
C LEU A 151 32.47 -2.05 0.59
N MET A 152 31.64 -2.29 1.61
CA MET A 152 32.09 -1.92 2.96
C MET A 152 33.18 -2.82 3.46
N ASP A 153 33.14 -4.07 3.04
CA ASP A 153 34.16 -5.04 3.40
C ASP A 153 35.48 -4.63 2.75
N GLU A 154 35.45 -4.27 1.47
CA GLU A 154 36.67 -3.89 0.74
C GLU A 154 37.25 -2.62 1.38
N ILE A 155 36.39 -1.70 1.80
CA ILE A 155 36.81 -0.47 2.44
C ILE A 155 37.45 -0.80 3.80
N SER A 156 36.76 -1.64 4.58
CA SER A 156 37.27 -1.93 5.93
C SER A 156 38.63 -2.62 5.89
N ARG A 157 38.75 -3.56 4.98
CA ARG A 157 39.96 -4.35 4.92
C ARG A 157 41.13 -3.73 4.19
N HIS A 158 40.83 -3.00 3.12
CA HIS A 158 41.89 -2.53 2.24
C HIS A 158 41.98 -1.05 1.94
N HIS A 159 40.91 -0.28 2.13
CA HIS A 159 40.90 1.15 1.79
C HIS A 159 40.06 1.91 2.78
N PRO A 160 40.45 1.92 4.06
CA PRO A 160 39.67 2.60 5.06
C PRO A 160 39.48 4.09 4.95
N HIS A 161 40.31 4.73 4.11
CA HIS A 161 40.16 6.14 3.90
C HIS A 161 38.88 6.50 3.12
N ILE A 162 38.33 5.54 2.40
CA ILE A 162 37.19 5.85 1.53
C ILE A 162 35.91 5.95 2.38
N ARG A 163 35.04 6.93 2.07
CA ARG A 163 33.74 7.05 2.74
C ARG A 163 32.81 6.47 1.69
N GLY A 164 32.21 5.32 2.01
CA GLY A 164 31.38 4.64 1.02
C GLY A 164 30.07 4.17 1.59
N GLY A 165 29.10 3.97 0.67
CA GLY A 165 27.78 3.50 1.15
C GLY A 165 26.89 3.30 -0.06
N PHE A 166 25.60 3.08 0.19
CA PHE A 166 24.67 2.73 -0.87
C PHE A 166 23.41 3.59 -0.75
N ILE A 167 22.81 3.94 -1.89
CA ILE A 167 21.54 4.64 -1.88
C ILE A 167 20.55 3.95 -2.84
N HIS A 168 19.37 3.60 -2.30
CA HIS A 168 18.35 3.02 -3.19
C HIS A 168 17.45 4.15 -3.66
N ILE A 169 16.91 3.93 -4.84
CA ILE A 169 16.02 4.92 -5.47
C ILE A 169 14.78 4.18 -5.96
N PRO A 170 13.65 4.88 -6.07
CA PRO A 170 12.40 4.28 -6.54
C PRO A 170 12.44 4.01 -8.04
N TYR A 171 11.37 3.35 -8.49
CA TYR A 171 11.18 3.20 -9.92
C TYR A 171 11.09 4.62 -10.52
N ILE A 172 11.31 4.67 -11.83
CA ILE A 172 11.03 5.92 -12.57
C ILE A 172 9.63 5.66 -13.18
N PRO A 173 8.91 6.73 -13.54
CA PRO A 173 7.55 6.56 -14.08
C PRO A 173 7.33 5.62 -15.24
N GLU A 174 8.28 5.60 -16.18
CA GLU A 174 8.12 4.73 -17.31
C GLU A 174 8.15 3.22 -16.92
N GLN A 175 8.55 2.89 -15.69
CA GLN A 175 8.56 1.52 -15.26
C GLN A 175 7.25 1.11 -14.59
N THR A 176 6.29 2.06 -14.51
CA THR A 176 5.06 1.78 -13.79
C THR A 176 3.79 1.88 -14.60
N LEU A 177 3.97 1.68 -15.90
CA LEU A 177 2.84 1.80 -16.83
C LEU A 177 1.90 0.64 -16.87
N GLN A 178 2.36 -0.56 -16.55
CA GLN A 178 1.48 -1.74 -16.60
C GLN A 178 0.94 -2.14 -15.25
N LYS A 179 1.71 -1.91 -14.21
CA LYS A 179 1.25 -2.20 -12.85
C LYS A 179 1.46 -0.93 -12.04
N SER A 180 0.44 -0.49 -11.32
CA SER A 180 0.53 0.74 -10.54
C SER A 180 1.58 0.59 -9.46
N ALA A 181 2.46 1.58 -9.39
CA ALA A 181 3.50 1.58 -8.36
C ALA A 181 4.03 3.01 -8.24
N PRO A 182 4.61 3.34 -7.09
CA PRO A 182 5.18 4.68 -6.87
C PRO A 182 6.43 4.84 -7.70
N SER A 183 6.72 6.09 -8.01
CA SER A 183 7.96 6.40 -8.76
C SER A 183 8.40 7.82 -8.44
N LEU A 184 9.64 8.10 -8.83
CA LEU A 184 10.12 9.49 -8.76
C LEU A 184 10.69 9.79 -10.13
N SER A 185 10.61 11.03 -10.61
CA SER A 185 11.16 11.31 -11.95
C SER A 185 12.70 11.17 -12.04
N LEU A 186 13.20 10.80 -13.21
CA LEU A 186 14.64 10.70 -13.38
C LEU A 186 15.29 12.04 -13.07
N ASP A 187 14.62 13.15 -13.40
CA ASP A 187 15.22 14.45 -13.09
C ASP A 187 15.38 14.61 -11.59
N HIS A 188 14.34 14.22 -10.83
CA HIS A 188 14.46 14.38 -9.39
C HIS A 188 15.48 13.39 -8.79
N ILE A 189 15.50 12.18 -9.32
CA ILE A 189 16.46 11.20 -8.77
C ILE A 189 17.88 11.67 -9.03
N THR A 190 18.13 12.18 -10.25
CA THR A 190 19.47 12.65 -10.60
C THR A 190 19.89 13.77 -9.71
N LYS A 191 18.97 14.70 -9.47
CA LYS A 191 19.27 15.84 -8.60
C LYS A 191 19.59 15.36 -7.19
N ALA A 192 18.81 14.40 -6.68
CA ALA A 192 19.05 13.89 -5.34
C ALA A 192 20.40 13.23 -5.22
N LEU A 193 20.78 12.46 -6.25
CA LEU A 193 22.08 11.80 -6.17
C LEU A 193 23.20 12.83 -6.23
N LYS A 194 23.03 13.90 -6.99
CA LYS A 194 24.06 14.95 -7.05
C LYS A 194 24.19 15.60 -5.67
N ILE A 195 23.04 15.87 -5.01
CA ILE A 195 23.04 16.44 -3.66
C ILE A 195 23.76 15.48 -2.73
N ALA A 196 23.52 14.17 -2.90
CA ALA A 196 24.20 13.23 -2.01
C ALA A 196 25.72 13.29 -2.15
N ALA A 197 26.18 13.32 -3.39
CA ALA A 197 27.62 13.36 -3.70
C ALA A 197 28.23 14.65 -3.13
N VAL A 198 27.60 15.78 -3.38
CA VAL A 198 28.14 17.05 -2.85
C VAL A 198 28.15 17.06 -1.34
N THR A 199 27.11 16.52 -0.71
CA THR A 199 27.02 16.52 0.74
C THR A 199 28.09 15.62 1.35
N ALA A 200 28.29 14.43 0.79
CA ALA A 200 29.31 13.52 1.27
C ALA A 200 30.71 14.12 1.11
N ALA A 201 30.94 14.77 -0.03
CA ALA A 201 32.23 15.40 -0.25
C ALA A 201 32.50 16.53 0.75
N ALA A 202 31.45 17.25 1.13
CA ALA A 202 31.58 18.39 2.04
C ALA A 202 31.67 18.05 3.49
N HIS A 203 31.13 16.89 3.88
CA HIS A 203 31.13 16.48 5.26
C HIS A 203 31.49 15.01 5.48
N GLU A 204 32.56 14.80 6.25
CA GLU A 204 33.02 13.46 6.63
C GLU A 204 32.08 12.94 7.74
N ASP A 205 31.69 13.86 8.60
CA ASP A 205 30.85 13.60 9.78
C ASP A 205 29.37 13.83 9.55
N ASP A 206 28.55 12.94 10.10
CA ASP A 206 27.11 13.08 9.97
C ASP A 206 26.55 13.94 11.11
N ILE A 207 25.27 14.29 11.02
CA ILE A 207 24.61 15.04 12.08
C ILE A 207 23.77 14.01 12.81
N GLU A 208 23.06 14.45 13.84
CA GLU A 208 22.15 13.55 14.54
C GLU A 208 20.71 13.94 14.24
N MET B 1 -10.18 20.92 -37.02
CA MET B 1 -11.15 21.78 -36.34
C MET B 1 -10.55 22.24 -34.99
N GLU B 2 -10.36 23.54 -34.80
CA GLU B 2 -9.79 24.01 -33.53
C GLU B 2 -10.85 23.84 -32.43
N LYS B 3 -10.41 23.48 -31.23
CA LYS B 3 -11.33 23.29 -30.11
C LYS B 3 -10.83 24.09 -28.94
N LYS B 4 -11.72 24.84 -28.27
CA LYS B 4 -11.34 25.57 -27.10
C LYS B 4 -11.50 24.62 -25.92
N VAL B 5 -10.43 24.41 -25.15
CA VAL B 5 -10.47 23.48 -24.00
C VAL B 5 -10.26 24.31 -22.75
N LEU B 6 -11.25 24.25 -21.85
CA LEU B 6 -11.21 24.93 -20.57
C LEU B 6 -10.69 23.89 -19.56
N LEU B 7 -9.64 24.25 -18.85
CA LEU B 7 -9.08 23.36 -17.78
C LEU B 7 -9.36 24.10 -16.48
N THR B 8 -9.74 23.39 -15.43
CA THR B 8 -9.83 24.09 -14.13
C THR B 8 -8.96 23.40 -13.13
N GLY B 9 -8.50 24.15 -12.13
CA GLY B 9 -7.74 23.58 -11.02
C GLY B 9 -8.32 24.25 -9.77
N PHE B 10 -8.06 23.68 -8.58
CA PHE B 10 -8.65 24.26 -7.35
C PHE B 10 -7.78 25.27 -6.62
N ASP B 11 -8.40 26.12 -5.80
CA ASP B 11 -7.64 27.10 -5.04
C ASP B 11 -7.03 26.36 -3.86
N PRO B 12 -6.27 27.08 -3.00
CA PRO B 12 -5.65 26.37 -1.87
C PRO B 12 -6.57 25.76 -0.81
N PHE B 13 -6.27 24.52 -0.39
CA PHE B 13 -6.98 23.72 0.65
C PHE B 13 -6.09 22.93 1.68
N GLY B 14 -6.78 22.00 2.38
CA GLY B 14 -6.33 21.05 3.43
C GLY B 14 -5.16 21.18 4.37
N GLY B 15 -4.69 22.40 4.56
CA GLY B 15 -3.52 22.58 5.39
C GLY B 15 -2.40 22.63 4.37
N GLU B 16 -2.71 22.36 3.10
CA GLU B 16 -1.68 22.46 2.05
C GLU B 16 -1.54 23.99 1.72
N THR B 17 -0.49 24.38 1.01
CA THR B 17 -0.20 25.78 0.63
C THR B 17 -0.18 25.86 -0.89
N VAL B 18 -0.03 24.70 -1.51
CA VAL B 18 -0.01 24.66 -2.98
C VAL B 18 -1.11 23.74 -3.48
N ASN B 19 -2.02 24.16 -4.38
CA ASN B 19 -2.89 23.07 -4.89
C ASN B 19 -2.32 22.80 -6.24
N PRO B 20 -1.66 21.68 -6.35
CA PRO B 20 -1.02 21.21 -7.54
C PRO B 20 -1.94 21.13 -8.79
N SER B 21 -3.25 20.95 -8.56
CA SER B 21 -4.15 20.88 -9.73
C SER B 21 -4.11 22.24 -10.44
N TRP B 22 -4.13 23.30 -9.65
CA TRP B 22 -4.01 24.65 -10.23
C TRP B 22 -2.59 24.94 -10.72
N GLU B 23 -1.56 24.53 -9.96
CA GLU B 23 -0.19 24.81 -10.41
C GLU B 23 0.01 24.24 -11.79
N ALA B 24 -0.50 23.04 -12.04
CA ALA B 24 -0.34 22.44 -13.33
C ALA B 24 -1.18 23.06 -14.45
N VAL B 25 -2.49 23.25 -14.19
CA VAL B 25 -3.26 23.79 -15.28
C VAL B 25 -2.93 25.26 -15.57
N LYS B 26 -2.48 26.00 -14.57
CA LYS B 26 -2.13 27.42 -14.84
C LYS B 26 -1.02 27.48 -15.90
N ARG B 27 -0.09 26.53 -15.87
CA ARG B 27 1.02 26.49 -16.83
C ARG B 27 0.52 26.36 -18.27
N LEU B 28 -0.65 25.79 -18.41
CA LEU B 28 -1.21 25.61 -19.74
C LEU B 28 -2.14 26.71 -20.23
N ASN B 29 -2.34 27.74 -19.44
CA ASN B 29 -3.25 28.80 -19.89
C ASN B 29 -2.66 29.48 -21.13
N GLY B 30 -3.43 29.55 -22.20
CA GLY B 30 -2.93 30.18 -23.41
C GLY B 30 -2.10 29.22 -24.26
N ALA B 31 -1.95 27.95 -23.86
CA ALA B 31 -1.19 27.01 -24.70
C ALA B 31 -1.96 26.56 -25.90
N ALA B 32 -1.25 26.30 -27.01
CA ALA B 32 -1.90 25.83 -28.24
C ALA B 32 -1.10 24.62 -28.67
N GLU B 33 -1.73 23.47 -28.82
CA GLU B 33 -1.05 22.27 -29.27
C GLU B 33 -2.01 21.44 -30.08
N GLY B 34 -1.56 20.98 -31.25
CA GLY B 34 -2.48 20.28 -32.10
C GLY B 34 -3.70 21.19 -32.31
N PRO B 35 -4.91 20.63 -32.31
CA PRO B 35 -6.13 21.42 -32.51
C PRO B 35 -6.67 22.03 -31.20
N ALA B 36 -5.95 21.84 -30.09
CA ALA B 36 -6.40 22.40 -28.81
C ALA B 36 -5.90 23.81 -28.54
N SER B 37 -6.79 24.67 -28.11
CA SER B 37 -6.45 26.01 -27.69
C SER B 37 -6.91 25.99 -26.22
N ILE B 38 -5.96 26.08 -25.29
CA ILE B 38 -6.28 25.90 -23.87
C ILE B 38 -6.38 27.17 -23.06
N VAL B 39 -7.38 27.23 -22.17
CA VAL B 39 -7.57 28.34 -21.26
C VAL B 39 -7.78 27.69 -19.90
N SER B 40 -7.25 28.33 -18.85
CA SER B 40 -7.38 27.81 -17.48
C SER B 40 -8.05 28.74 -16.52
N GLU B 41 -8.89 28.19 -15.64
CA GLU B 41 -9.54 28.99 -14.60
C GLU B 41 -9.48 28.25 -13.27
N GLN B 42 -9.36 29.02 -12.20
CA GLN B 42 -9.27 28.47 -10.86
C GLN B 42 -10.69 28.45 -10.23
N VAL B 43 -10.97 27.33 -9.56
CA VAL B 43 -12.25 27.12 -8.89
C VAL B 43 -11.98 27.00 -7.40
N PRO B 44 -12.84 27.59 -6.58
CA PRO B 44 -12.63 27.52 -5.14
C PRO B 44 -12.96 26.13 -4.58
N THR B 45 -12.24 25.67 -3.54
CA THR B 45 -12.53 24.36 -2.91
C THR B 45 -13.64 24.59 -1.92
N VAL B 46 -14.82 24.81 -2.47
CA VAL B 46 -16.02 25.12 -1.69
C VAL B 46 -17.22 24.51 -2.41
N PHE B 47 -18.02 23.73 -1.68
CA PHE B 47 -19.24 23.16 -2.28
C PHE B 47 -20.14 24.35 -2.69
N TYR B 48 -20.92 24.15 -3.73
CA TYR B 48 -21.92 25.10 -4.27
C TYR B 48 -21.28 26.25 -5.00
N LYS B 49 -20.39 26.98 -4.35
CA LYS B 49 -19.70 28.10 -4.98
C LYS B 49 -18.80 27.60 -6.14
N SER B 50 -18.19 26.43 -5.97
CA SER B 50 -17.36 25.93 -7.05
C SER B 50 -18.16 25.82 -8.34
N LEU B 51 -19.41 25.34 -8.25
CA LEU B 51 -20.19 25.14 -9.49
C LEU B 51 -20.58 26.50 -10.09
N ALA B 52 -20.82 27.51 -9.24
CA ALA B 52 -21.18 28.83 -9.73
C ALA B 52 -19.97 29.37 -10.49
N VAL B 53 -18.76 29.19 -9.93
CA VAL B 53 -17.53 29.66 -10.59
C VAL B 53 -17.29 28.95 -11.92
N LEU B 54 -17.54 27.65 -11.92
CA LEU B 54 -17.41 26.88 -13.16
C LEU B 54 -18.37 27.47 -14.25
N ARG B 55 -19.61 27.71 -13.85
CA ARG B 55 -20.59 28.23 -14.83
C ARG B 55 -20.10 29.57 -15.35
N GLU B 56 -19.51 30.37 -14.48
CA GLU B 56 -19.04 31.67 -14.93
C GLU B 56 -17.89 31.53 -15.93
N ALA B 57 -17.02 30.54 -15.67
CA ALA B 57 -15.91 30.31 -16.59
C ALA B 57 -16.43 29.77 -17.93
N MET B 58 -17.50 28.98 -17.89
CA MET B 58 -18.10 28.41 -19.10
C MET B 58 -18.67 29.54 -19.99
N LYS B 59 -19.28 30.52 -19.33
CA LYS B 59 -19.87 31.69 -20.02
C LYS B 59 -18.79 32.56 -20.62
N LYS B 60 -17.73 32.78 -19.86
CA LYS B 60 -16.63 33.58 -20.32
C LYS B 60 -15.92 32.99 -21.54
N HIS B 61 -15.66 31.68 -21.50
CA HIS B 61 -14.89 31.08 -22.56
C HIS B 61 -15.57 30.34 -23.67
N GLN B 62 -16.84 29.99 -23.50
CA GLN B 62 -17.59 29.22 -24.48
C GLN B 62 -16.75 28.05 -24.96
N PRO B 63 -16.29 27.19 -24.02
CA PRO B 63 -15.45 26.05 -24.42
C PRO B 63 -16.20 24.93 -25.13
N ASP B 64 -15.46 24.22 -25.99
CA ASP B 64 -15.95 23.05 -26.71
C ASP B 64 -15.73 21.80 -25.83
N ILE B 65 -14.66 21.85 -25.03
CA ILE B 65 -14.26 20.75 -24.16
C ILE B 65 -13.93 21.33 -22.76
N ILE B 66 -14.31 20.60 -21.70
CA ILE B 66 -13.96 21.05 -20.34
C ILE B 66 -13.34 19.88 -19.59
N ILE B 67 -12.16 20.14 -19.01
CA ILE B 67 -11.51 19.12 -18.19
C ILE B 67 -11.20 19.75 -16.81
N CYS B 68 -11.97 19.36 -15.79
CA CYS B 68 -11.76 19.83 -14.43
C CYS B 68 -10.73 18.87 -13.80
N VAL B 69 -9.80 19.43 -13.05
CA VAL B 69 -8.70 18.67 -12.47
C VAL B 69 -8.66 18.88 -10.96
N GLY B 70 -8.40 17.78 -10.27
CA GLY B 70 -8.22 17.87 -8.80
C GLY B 70 -7.17 16.87 -8.35
N GLN B 71 -6.75 17.00 -7.11
CA GLN B 71 -5.73 16.11 -6.56
C GLN B 71 -6.28 14.97 -5.74
N ALA B 72 -5.86 13.73 -6.01
CA ALA B 72 -6.27 12.57 -5.25
C ALA B 72 -4.97 12.06 -4.57
N GLY B 73 -4.62 12.65 -3.44
CA GLY B 73 -3.39 12.23 -2.75
C GLY B 73 -3.41 10.75 -2.44
N GLY B 74 -2.29 10.08 -2.70
CA GLY B 74 -2.24 8.64 -2.48
C GLY B 74 -2.21 7.83 -3.78
N ARG B 75 -2.86 8.36 -4.83
CA ARG B 75 -2.83 7.69 -6.13
C ARG B 75 -1.44 7.78 -6.74
N MET B 76 -1.15 6.83 -7.62
CA MET B 76 0.18 6.74 -8.26
C MET B 76 0.11 6.92 -9.77
N GLN B 77 -1.02 7.36 -10.30
CA GLN B 77 -1.15 7.49 -11.74
C GLN B 77 -2.02 8.73 -12.01
N ILE B 78 -1.98 9.21 -13.24
CA ILE B 78 -2.96 10.25 -13.67
C ILE B 78 -4.23 9.46 -13.86
N THR B 79 -5.38 9.89 -13.28
CA THR B 79 -6.58 9.11 -13.42
C THR B 79 -7.81 9.82 -13.89
N PRO B 80 -8.09 9.73 -15.20
CA PRO B 80 -9.30 10.33 -15.74
C PRO B 80 -10.46 9.51 -15.09
N GLU B 81 -11.52 10.20 -14.70
CA GLU B 81 -12.65 9.57 -14.02
C GLU B 81 -13.79 9.15 -14.96
N ARG B 82 -14.26 7.93 -14.75
CA ARG B 82 -15.37 7.43 -15.59
C ARG B 82 -16.73 7.92 -15.15
N VAL B 83 -16.90 8.10 -13.86
CA VAL B 83 -18.24 8.37 -13.37
C VAL B 83 -18.36 9.31 -12.19
N ALA B 84 -19.32 10.21 -12.29
CA ALA B 84 -19.60 11.19 -11.24
C ALA B 84 -20.84 10.77 -10.48
N ILE B 85 -20.85 10.85 -9.14
CA ILE B 85 -22.08 10.41 -8.40
C ILE B 85 -22.78 11.59 -7.72
N ASN B 86 -24.11 11.44 -7.57
CA ASN B 86 -24.95 12.55 -7.05
C ASN B 86 -24.99 12.58 -5.51
N LEU B 87 -23.82 12.86 -4.95
CA LEU B 87 -23.67 12.83 -3.48
C LEU B 87 -22.54 13.73 -2.97
N ASN B 88 -22.86 14.54 -1.95
CA ASN B 88 -21.85 15.32 -1.24
C ASN B 88 -21.74 14.61 0.12
N GLU B 89 -20.60 14.05 0.45
CA GLU B 89 -20.39 13.35 1.70
C GLU B 89 -18.98 13.77 2.14
N ALA B 90 -18.92 14.78 2.99
CA ALA B 90 -17.67 15.40 3.43
C ALA B 90 -17.23 14.92 4.78
N ARG B 91 -16.03 14.36 4.82
CA ARG B 91 -15.46 13.86 6.06
C ARG B 91 -14.68 14.98 6.77
N ILE B 92 -14.47 16.09 6.08
CA ILE B 92 -13.79 17.25 6.65
C ILE B 92 -14.50 18.42 5.98
N PRO B 93 -14.48 19.61 6.57
CA PRO B 93 -15.17 20.72 5.90
C PRO B 93 -14.40 21.27 4.69
N ASP B 94 -15.13 22.01 3.84
CA ASP B 94 -14.51 22.67 2.69
C ASP B 94 -13.88 23.99 3.16
N ASN B 95 -13.34 24.81 2.25
CA ASN B 95 -12.65 26.06 2.69
C ASN B 95 -13.53 27.06 3.38
N GLU B 96 -14.83 26.92 3.23
CA GLU B 96 -15.75 27.87 3.86
C GLU B 96 -16.56 27.26 5.02
N GLY B 97 -16.11 26.11 5.48
CA GLY B 97 -16.75 25.44 6.60
C GLY B 97 -17.95 24.56 6.33
N ASN B 98 -18.32 24.36 5.07
CA ASN B 98 -19.46 23.50 4.73
C ASN B 98 -19.03 22.04 4.86
N GLN B 99 -19.83 21.21 5.50
CA GLN B 99 -19.48 19.78 5.60
C GLN B 99 -20.73 18.96 5.36
N PRO B 100 -21.24 18.98 4.13
CA PRO B 100 -22.44 18.21 3.85
C PRO B 100 -22.32 16.72 4.04
N VAL B 101 -23.40 16.09 4.46
CA VAL B 101 -23.41 14.66 4.66
C VAL B 101 -24.70 14.15 4.06
N GLY B 102 -24.58 13.06 3.28
CA GLY B 102 -25.76 12.44 2.70
C GLY B 102 -26.58 13.35 1.82
N GLU B 103 -25.94 14.29 1.14
CA GLU B 103 -26.70 15.26 0.36
C GLU B 103 -26.68 15.04 -1.13
N ASP B 104 -27.85 15.14 -1.76
CA ASP B 104 -27.90 15.05 -3.23
C ASP B 104 -27.31 16.33 -3.80
N ILE B 105 -26.58 16.23 -4.90
CA ILE B 105 -26.07 17.43 -5.58
C ILE B 105 -27.21 18.03 -6.40
N SER B 106 -27.94 17.16 -7.11
CA SER B 106 -29.14 17.53 -7.89
C SER B 106 -30.30 16.71 -7.35
N GLN B 107 -31.23 17.35 -6.65
CA GLN B 107 -32.35 16.62 -6.09
C GLN B 107 -33.17 16.02 -7.24
N GLY B 108 -33.42 14.72 -7.18
CA GLY B 108 -34.15 14.08 -8.29
C GLY B 108 -33.28 13.92 -9.55
N GLY B 109 -32.00 14.32 -9.50
CA GLY B 109 -31.16 14.16 -10.69
C GLY B 109 -30.74 12.73 -10.73
N PRO B 110 -30.02 12.32 -11.80
CA PRO B 110 -29.63 10.91 -11.83
C PRO B 110 -28.60 10.57 -10.77
N ALA B 111 -28.61 9.32 -10.37
CA ALA B 111 -27.62 8.91 -9.38
C ALA B 111 -26.18 9.17 -9.87
N ALA B 112 -25.98 9.04 -11.18
CA ALA B 112 -24.63 9.26 -11.74
C ALA B 112 -24.69 9.80 -13.15
N TYR B 113 -23.56 10.40 -13.57
CA TYR B 113 -23.32 10.84 -14.92
C TYR B 113 -22.01 10.24 -15.38
N TRP B 114 -21.98 9.75 -16.62
CA TRP B 114 -20.74 9.23 -17.16
C TRP B 114 -19.93 10.42 -17.69
N THR B 115 -18.61 10.24 -17.75
CA THR B 115 -17.75 11.27 -18.36
C THR B 115 -18.08 11.40 -19.86
N GLY B 116 -17.84 12.59 -20.37
CA GLY B 116 -18.01 12.88 -21.78
C GLY B 116 -16.66 12.92 -22.53
N LEU B 117 -15.55 12.63 -21.83
CA LEU B 117 -14.20 12.66 -22.45
C LEU B 117 -13.81 11.24 -22.93
N PRO B 118 -12.90 11.13 -23.94
CA PRO B 118 -12.44 9.83 -24.50
C PRO B 118 -11.31 9.38 -23.57
N ILE B 119 -11.72 8.94 -22.38
CA ILE B 119 -10.71 8.64 -21.35
C ILE B 119 -9.82 7.44 -21.62
N LYS B 120 -10.31 6.44 -22.33
CA LYS B 120 -9.39 5.30 -22.59
C LYS B 120 -8.28 5.79 -23.55
N ARG B 121 -8.64 6.63 -24.51
CA ARG B 121 -7.64 7.22 -25.45
C ARG B 121 -6.65 8.11 -24.68
N ILE B 122 -7.20 8.92 -23.77
CA ILE B 122 -6.35 9.81 -22.96
C ILE B 122 -5.36 8.94 -22.13
N VAL B 123 -5.84 7.86 -21.49
CA VAL B 123 -4.94 7.00 -20.71
C VAL B 123 -3.86 6.41 -21.64
N GLU B 124 -4.24 5.94 -22.81
CA GLU B 124 -3.23 5.35 -23.70
C GLU B 124 -2.25 6.40 -24.18
N GLU B 125 -2.70 7.63 -24.48
CA GLU B 125 -1.73 8.61 -24.99
C GLU B 125 -0.80 9.08 -23.88
N ILE B 126 -1.28 9.10 -22.63
CA ILE B 126 -0.40 9.53 -21.53
C ILE B 126 0.66 8.44 -21.33
N LYS B 127 0.23 7.18 -21.37
CA LYS B 127 1.21 6.11 -21.18
C LYS B 127 2.20 6.03 -22.31
N LYS B 128 1.77 6.43 -23.50
CA LYS B 128 2.72 6.35 -24.67
C LYS B 128 3.86 7.35 -24.42
N GLU B 129 3.64 8.39 -23.61
CA GLU B 129 4.68 9.33 -23.26
C GLU B 129 5.47 8.96 -22.01
N GLY B 130 5.23 7.76 -21.53
CA GLY B 130 6.00 7.25 -20.37
C GLY B 130 5.48 7.69 -19.00
N ILE B 131 4.24 8.15 -18.94
CA ILE B 131 3.67 8.61 -17.66
C ILE B 131 2.54 7.65 -17.27
N PRO B 132 2.53 7.19 -16.02
CA PRO B 132 1.46 6.26 -15.62
C PRO B 132 0.04 6.87 -15.59
N ALA B 133 -0.92 6.13 -16.07
CA ALA B 133 -2.32 6.59 -16.13
C ALA B 133 -3.25 5.39 -16.09
N ALA B 134 -4.46 5.61 -15.59
CA ALA B 134 -5.45 4.52 -15.54
C ALA B 134 -6.80 5.13 -15.34
N VAL B 135 -7.84 4.44 -15.83
CA VAL B 135 -9.19 4.92 -15.58
C VAL B 135 -9.57 4.65 -14.10
N SER B 136 -10.21 5.64 -13.48
CA SER B 136 -10.72 5.47 -12.08
C SER B 136 -12.27 5.43 -12.17
N TYR B 137 -12.89 4.67 -11.25
CA TYR B 137 -14.34 4.52 -11.23
C TYR B 137 -14.97 5.15 -9.99
N THR B 138 -14.17 5.89 -9.22
CA THR B 138 -14.76 6.73 -8.14
C THR B 138 -13.90 7.99 -8.01
N ALA B 139 -14.58 9.16 -8.01
CA ALA B 139 -13.92 10.46 -7.88
C ALA B 139 -14.14 10.93 -6.43
N GLY B 140 -14.53 10.02 -5.55
CA GLY B 140 -14.76 10.43 -4.16
C GLY B 140 -16.10 11.08 -3.98
N THR B 141 -16.24 11.74 -2.83
CA THR B 141 -17.50 12.39 -2.52
C THR B 141 -17.28 13.79 -1.99
N PHE B 142 -16.10 14.35 -2.23
CA PHE B 142 -15.77 15.66 -1.72
C PHE B 142 -15.96 16.69 -2.83
N VAL B 143 -15.26 17.80 -2.77
CA VAL B 143 -15.52 18.84 -3.74
C VAL B 143 -15.14 18.46 -5.19
N CYS B 144 -14.14 17.56 -5.33
CA CYS B 144 -13.78 17.13 -6.69
C CYS B 144 -14.94 16.41 -7.38
N ASN B 145 -15.50 15.39 -6.73
CA ASN B 145 -16.66 14.71 -7.35
C ASN B 145 -17.85 15.67 -7.53
N HIS B 146 -17.98 16.57 -6.57
CA HIS B 146 -19.07 17.58 -6.65
C HIS B 146 -18.96 18.40 -7.93
N LEU B 147 -17.76 18.87 -8.22
CA LEU B 147 -17.53 19.67 -9.43
C LEU B 147 -17.76 18.80 -10.65
N PHE B 148 -17.26 17.55 -10.61
CA PHE B 148 -17.45 16.67 -11.78
C PHE B 148 -18.94 16.46 -12.05
N TYR B 149 -19.72 16.08 -11.01
CA TYR B 149 -21.16 15.82 -11.20
C TYR B 149 -21.86 17.13 -11.66
N GLY B 150 -21.53 18.23 -11.00
CA GLY B 150 -22.12 19.50 -11.42
C GLY B 150 -21.82 19.86 -12.88
N LEU B 151 -20.60 19.60 -13.31
CA LEU B 151 -20.18 19.84 -14.71
C LEU B 151 -21.02 18.97 -15.62
N MET B 152 -21.16 17.68 -15.32
CA MET B 152 -21.93 16.82 -16.23
C MET B 152 -23.40 17.15 -16.26
N ASP B 153 -23.90 17.59 -15.11
CA ASP B 153 -25.33 17.98 -15.00
C ASP B 153 -25.56 19.27 -15.81
N GLU B 154 -24.65 20.25 -15.68
CA GLU B 154 -24.79 21.48 -16.48
C GLU B 154 -24.71 21.16 -17.98
N ILE B 155 -23.81 20.28 -18.38
CA ILE B 155 -23.74 19.90 -19.81
C ILE B 155 -25.03 19.21 -20.26
N SER B 156 -25.50 18.23 -19.48
CA SER B 156 -26.70 17.51 -19.87
C SER B 156 -27.93 18.40 -20.01
N ARG B 157 -28.10 19.30 -19.08
CA ARG B 157 -29.28 20.15 -19.03
C ARG B 157 -29.23 21.40 -19.89
N HIS B 158 -28.05 21.95 -20.08
CA HIS B 158 -27.96 23.22 -20.79
C HIS B 158 -27.01 23.35 -21.97
N HIS B 159 -26.03 22.44 -22.11
CA HIS B 159 -25.07 22.55 -23.23
C HIS B 159 -24.60 21.17 -23.58
N PRO B 160 -25.50 20.34 -24.09
CA PRO B 160 -25.13 18.99 -24.42
C PRO B 160 -24.05 18.71 -25.43
N HIS B 161 -23.70 19.70 -26.25
CA HIS B 161 -22.63 19.53 -27.23
C HIS B 161 -21.24 19.59 -26.59
N ILE B 162 -21.13 20.14 -25.39
CA ILE B 162 -19.82 20.20 -24.73
C ILE B 162 -19.34 18.84 -24.29
N ARG B 163 -18.05 18.57 -24.51
CA ARG B 163 -17.45 17.27 -24.04
C ARG B 163 -16.67 17.62 -22.77
N GLY B 164 -17.18 17.11 -21.64
CA GLY B 164 -16.53 17.40 -20.36
C GLY B 164 -16.29 16.17 -19.52
N GLY B 165 -15.39 16.37 -18.57
CA GLY B 165 -15.06 15.30 -17.65
C GLY B 165 -14.08 15.78 -16.60
N PHE B 166 -13.53 14.82 -15.85
CA PHE B 166 -12.66 15.16 -14.73
C PHE B 166 -11.43 14.26 -14.72
N ILE B 167 -10.30 14.84 -14.28
CA ILE B 167 -9.08 14.03 -14.16
C ILE B 167 -8.47 14.34 -12.82
N HIS B 168 -8.17 13.31 -12.04
CA HIS B 168 -7.42 13.44 -10.79
C HIS B 168 -5.95 13.19 -11.03
N ILE B 169 -5.14 13.91 -10.28
CA ILE B 169 -3.68 13.78 -10.31
C ILE B 169 -3.16 13.43 -8.93
N PRO B 170 -1.99 12.81 -8.86
CA PRO B 170 -1.41 12.47 -7.55
C PRO B 170 -0.81 13.68 -6.86
N TYR B 171 -0.23 13.41 -5.70
CA TYR B 171 0.57 14.46 -5.04
C TYR B 171 1.80 14.74 -5.93
N ILE B 172 2.45 15.90 -5.70
CA ILE B 172 3.72 16.23 -6.34
C ILE B 172 4.71 15.91 -5.21
N PRO B 173 5.97 15.66 -5.54
CA PRO B 173 6.95 15.29 -4.50
C PRO B 173 7.07 16.19 -3.33
N GLU B 174 6.96 17.49 -3.57
CA GLU B 174 7.13 18.43 -2.45
C GLU B 174 6.06 18.30 -1.38
N GLN B 175 4.99 17.56 -1.66
CA GLN B 175 3.91 17.33 -0.66
C GLN B 175 4.14 16.06 0.16
N THR B 176 5.26 15.37 -0.09
CA THR B 176 5.48 14.06 0.52
C THR B 176 6.78 13.96 1.27
N LEU B 177 7.19 15.11 1.83
CA LEU B 177 8.46 15.18 2.55
C LEU B 177 8.33 14.77 4.01
N GLN B 178 7.17 14.90 4.61
CA GLN B 178 7.03 14.51 6.03
C GLN B 178 6.39 13.17 6.27
N LYS B 179 5.54 12.76 5.35
CA LYS B 179 4.86 11.46 5.44
C LYS B 179 5.02 10.88 4.06
N SER B 180 5.63 9.70 3.94
CA SER B 180 5.85 9.10 2.62
C SER B 180 4.53 8.84 1.92
N ALA B 181 4.54 9.05 0.61
CA ALA B 181 3.37 8.85 -0.21
C ALA B 181 3.83 8.91 -1.65
N PRO B 182 3.03 8.30 -2.57
CA PRO B 182 3.44 8.31 -3.98
C PRO B 182 3.23 9.70 -4.58
N SER B 183 4.02 10.04 -5.61
CA SER B 183 3.82 11.32 -6.27
C SER B 183 4.22 11.22 -7.74
N LEU B 184 3.92 12.29 -8.49
CA LEU B 184 4.38 12.48 -9.87
C LEU B 184 4.86 13.93 -9.93
N SER B 185 5.92 14.17 -10.70
CA SER B 185 6.43 15.55 -10.74
C SER B 185 5.42 16.49 -11.39
N LEU B 186 5.51 17.76 -11.06
CA LEU B 186 4.63 18.75 -11.69
C LEU B 186 4.90 18.77 -13.17
N ASP B 187 6.14 18.60 -13.58
CA ASP B 187 6.39 18.60 -15.01
C ASP B 187 5.63 17.42 -15.72
N HIS B 188 5.67 16.23 -15.15
CA HIS B 188 4.97 15.13 -15.77
C HIS B 188 3.44 15.32 -15.67
N ILE B 189 2.96 15.82 -14.54
CA ILE B 189 1.51 16.03 -14.46
C ILE B 189 1.08 17.05 -15.50
N THR B 190 1.83 18.16 -15.63
CA THR B 190 1.46 19.18 -16.63
C THR B 190 1.46 18.61 -18.02
N LYS B 191 2.47 17.80 -18.34
CA LYS B 191 2.54 17.18 -19.66
C LYS B 191 1.37 16.24 -19.88
N ALA B 192 0.99 15.46 -18.87
CA ALA B 192 -0.12 14.54 -19.00
C ALA B 192 -1.43 15.30 -19.27
N LEU B 193 -1.61 16.45 -18.61
CA LEU B 193 -2.86 17.19 -18.80
C LEU B 193 -2.88 17.79 -20.21
N LYS B 194 -1.72 18.24 -20.67
CA LYS B 194 -1.64 18.80 -22.03
C LYS B 194 -2.02 17.67 -23.01
N ILE B 195 -1.49 16.47 -22.79
CA ILE B 195 -1.83 15.34 -23.64
C ILE B 195 -3.32 15.08 -23.59
N ALA B 196 -3.90 15.17 -22.39
CA ALA B 196 -5.34 14.91 -22.31
C ALA B 196 -6.14 15.95 -23.08
N ALA B 197 -5.73 17.21 -23.02
CA ALA B 197 -6.45 18.28 -23.77
C ALA B 197 -6.31 18.05 -25.25
N VAL B 198 -5.10 17.75 -25.70
CA VAL B 198 -4.91 17.54 -27.14
C VAL B 198 -5.67 16.35 -27.64
N THR B 199 -5.66 15.26 -26.86
CA THR B 199 -6.34 14.05 -27.24
C THR B 199 -7.84 14.27 -27.34
N ALA B 200 -8.40 14.95 -26.35
CA ALA B 200 -9.87 15.22 -26.38
C ALA B 200 -10.21 16.17 -27.53
N ALA B 201 -9.34 17.12 -27.82
CA ALA B 201 -9.57 18.08 -28.93
C ALA B 201 -9.53 17.31 -30.26
N ALA B 202 -8.58 16.38 -30.36
CA ALA B 202 -8.42 15.64 -31.60
C ALA B 202 -9.43 14.53 -31.88
N HIS B 203 -10.06 13.99 -30.83
CA HIS B 203 -10.99 12.88 -30.93
C HIS B 203 -12.25 12.99 -30.08
N GLU B 204 -13.40 13.01 -30.69
CA GLU B 204 -14.65 13.06 -29.93
C GLU B 204 -14.95 11.64 -29.39
N ASP B 205 -14.59 10.65 -30.20
CA ASP B 205 -14.83 9.23 -29.90
C ASP B 205 -13.69 8.58 -29.14
N ASP B 206 -14.05 7.71 -28.23
CA ASP B 206 -13.04 7.02 -27.46
C ASP B 206 -12.71 5.69 -28.17
N ILE B 207 -11.63 5.04 -27.74
CA ILE B 207 -11.28 3.76 -28.32
C ILE B 207 -11.89 2.73 -27.41
N GLU B 208 -11.80 1.46 -27.79
CA GLU B 208 -12.37 0.44 -26.93
C GLU B 208 -11.33 -0.58 -26.46
N THR B 209 -10.22 -0.10 -25.89
CA THR B 209 -9.18 -0.97 -25.31
C THR B 209 -9.43 -1.11 -23.81
N MET C 1 -41.22 -9.23 14.81
CA MET C 1 -41.58 -9.47 13.37
C MET C 1 -40.47 -10.30 12.71
N GLU C 2 -40.64 -10.55 11.43
CA GLU C 2 -39.64 -11.34 10.68
C GLU C 2 -39.41 -10.78 9.31
N LYS C 3 -38.15 -10.72 8.90
CA LYS C 3 -37.83 -10.31 7.53
C LYS C 3 -37.02 -11.46 6.95
N LYS C 4 -37.37 -11.90 5.75
CA LYS C 4 -36.61 -12.97 5.07
C LYS C 4 -35.43 -12.30 4.36
N VAL C 5 -34.21 -12.68 4.73
CA VAL C 5 -32.98 -12.13 4.15
C VAL C 5 -32.31 -13.17 3.28
N LEU C 6 -32.22 -12.89 2.00
CA LEU C 6 -31.49 -13.80 1.09
C LEU C 6 -30.06 -13.28 0.99
N LEU C 7 -29.09 -14.15 1.30
CA LEU C 7 -27.68 -13.79 1.11
C LEU C 7 -27.16 -14.61 -0.08
N THR C 8 -26.26 -14.04 -0.88
CA THR C 8 -25.63 -14.84 -1.94
C THR C 8 -24.13 -14.79 -1.81
N GLY C 9 -23.49 -15.84 -2.32
CA GLY C 9 -22.02 -15.86 -2.39
C GLY C 9 -21.75 -16.50 -3.75
N PHE C 10 -20.53 -16.36 -4.22
CA PHE C 10 -20.19 -16.85 -5.59
C PHE C 10 -19.61 -18.27 -5.60
N ASP C 11 -19.70 -18.92 -6.77
CA ASP C 11 -19.16 -20.27 -6.92
C ASP C 11 -17.65 -20.17 -7.06
N PRO C 12 -16.96 -21.32 -7.10
CA PRO C 12 -15.50 -21.21 -7.21
C PRO C 12 -14.95 -20.53 -8.48
N PHE C 13 -13.95 -19.70 -8.30
CA PHE C 13 -13.29 -19.03 -9.40
C PHE C 13 -11.84 -19.53 -9.42
N GLY C 14 -11.42 -19.83 -10.63
CA GLY C 14 -10.11 -20.36 -10.95
C GLY C 14 -8.92 -19.91 -10.19
N GLY C 15 -8.17 -20.87 -9.64
CA GLY C 15 -6.98 -20.52 -8.90
C GLY C 15 -7.35 -20.69 -7.46
N GLU C 16 -8.63 -20.43 -7.20
CA GLU C 16 -9.22 -20.61 -5.87
C GLU C 16 -9.84 -22.02 -5.92
N THR C 17 -10.08 -22.60 -4.74
CA THR C 17 -10.60 -23.96 -4.58
C THR C 17 -11.91 -23.99 -3.80
N VAL C 18 -12.26 -22.82 -3.26
CA VAL C 18 -13.44 -22.61 -2.40
C VAL C 18 -13.73 -21.10 -2.47
N ASN C 19 -14.95 -20.58 -2.73
CA ASN C 19 -14.93 -19.09 -2.72
C ASN C 19 -15.37 -18.67 -1.35
N PRO C 20 -14.57 -17.84 -0.66
CA PRO C 20 -14.94 -17.42 0.70
C PRO C 20 -16.26 -16.68 0.85
N SER C 21 -16.71 -16.01 -0.21
CA SER C 21 -18.00 -15.30 -0.10
C SER C 21 -19.09 -16.35 0.13
N TRP C 22 -19.04 -17.47 -0.59
CA TRP C 22 -20.00 -18.58 -0.35
C TRP C 22 -19.73 -19.28 0.98
N GLU C 23 -18.46 -19.58 1.28
CA GLU C 23 -18.15 -20.27 2.53
C GLU C 23 -18.75 -19.52 3.72
N ALA C 24 -18.64 -18.19 3.72
CA ALA C 24 -19.22 -17.41 4.82
C ALA C 24 -20.76 -17.40 4.80
N VAL C 25 -21.36 -17.05 3.66
CA VAL C 25 -22.82 -16.96 3.69
C VAL C 25 -23.50 -18.33 3.88
N LYS C 26 -22.87 -19.42 3.41
CA LYS C 26 -23.49 -20.73 3.58
C LYS C 26 -23.63 -21.08 5.09
N ARG C 27 -22.71 -20.58 5.91
CA ARG C 27 -22.78 -20.83 7.35
C ARG C 27 -24.01 -20.26 8.00
N LEU C 28 -24.59 -19.22 7.36
CA LEU C 28 -25.77 -18.54 7.89
C LEU C 28 -27.10 -19.07 7.31
N ASN C 29 -27.03 -20.04 6.42
CA ASN C 29 -28.28 -20.54 5.84
C ASN C 29 -29.18 -21.16 6.93
N GLY C 30 -30.42 -20.70 6.98
CA GLY C 30 -31.37 -21.21 7.96
C GLY C 30 -31.27 -20.55 9.29
N ALA C 31 -30.43 -19.53 9.45
CA ALA C 31 -30.27 -18.89 10.75
C ALA C 31 -31.40 -17.94 11.07
N ALA C 32 -31.78 -17.89 12.34
CA ALA C 32 -32.83 -16.95 12.81
C ALA C 32 -32.08 -16.04 13.78
N GLU C 33 -31.85 -14.78 13.40
CA GLU C 33 -31.01 -13.89 14.19
C GLU C 33 -31.75 -12.59 14.30
N GLY C 34 -32.17 -12.21 15.51
CA GLY C 34 -32.97 -10.98 15.64
C GLY C 34 -34.22 -11.24 14.82
N PRO C 35 -34.69 -10.26 14.03
CA PRO C 35 -35.86 -10.38 13.16
C PRO C 35 -35.47 -10.98 11.83
N ALA C 36 -34.21 -11.34 11.63
CA ALA C 36 -33.87 -11.94 10.32
C ALA C 36 -34.03 -13.45 10.27
N SER C 37 -34.60 -13.92 9.19
CA SER C 37 -34.69 -15.35 8.88
C SER C 37 -33.81 -15.43 7.62
N ILE C 38 -32.63 -16.01 7.76
CA ILE C 38 -31.64 -15.97 6.65
C ILE C 38 -31.63 -17.22 5.79
N VAL C 39 -31.52 -17.04 4.46
CA VAL C 39 -31.39 -18.17 3.54
C VAL C 39 -30.23 -17.77 2.62
N SER C 40 -29.48 -18.76 2.13
CA SER C 40 -28.32 -18.47 1.33
C SER C 40 -28.36 -19.23 0.03
N GLU C 41 -28.00 -18.56 -1.04
CA GLU C 41 -27.92 -19.22 -2.34
C GLU C 41 -26.66 -18.86 -3.08
N GLN C 42 -26.13 -19.83 -3.83
CA GLN C 42 -24.89 -19.61 -4.57
C GLN C 42 -25.15 -19.08 -5.98
N VAL C 43 -24.34 -18.13 -6.42
CA VAL C 43 -24.49 -17.60 -7.75
C VAL C 43 -23.19 -17.86 -8.52
N PRO C 44 -23.31 -18.18 -9.82
CA PRO C 44 -22.10 -18.45 -10.63
C PRO C 44 -21.32 -17.18 -10.95
N THR C 45 -19.98 -17.26 -11.04
CA THR C 45 -19.15 -16.09 -11.36
C THR C 45 -19.15 -15.96 -12.88
N VAL C 46 -20.30 -15.56 -13.42
CA VAL C 46 -20.52 -15.46 -14.87
C VAL C 46 -21.47 -14.29 -15.11
N PHE C 47 -21.07 -13.41 -16.01
CA PHE C 47 -21.91 -12.32 -16.47
C PHE C 47 -23.19 -12.88 -17.03
N TYR C 48 -24.29 -12.21 -16.73
CA TYR C 48 -25.62 -12.54 -17.28
C TYR C 48 -26.27 -13.72 -16.56
N LYS C 49 -25.59 -14.85 -16.54
CA LYS C 49 -26.10 -16.01 -15.87
C LYS C 49 -26.25 -15.75 -14.35
N SER C 50 -25.28 -15.04 -13.75
CA SER C 50 -25.40 -14.71 -12.34
C SER C 50 -26.75 -14.04 -12.05
N LEU C 51 -27.14 -13.10 -12.92
CA LEU C 51 -28.44 -12.40 -12.69
C LEU C 51 -29.63 -13.37 -12.82
N ALA C 52 -29.56 -14.28 -13.78
CA ALA C 52 -30.66 -15.23 -13.93
C ALA C 52 -30.78 -16.10 -12.69
N VAL C 53 -29.64 -16.53 -12.14
CA VAL C 53 -29.69 -17.35 -10.95
C VAL C 53 -30.21 -16.55 -9.78
N LEU C 54 -29.82 -15.29 -9.69
CA LEU C 54 -30.33 -14.44 -8.62
C LEU C 54 -31.86 -14.31 -8.73
N ARG C 55 -32.35 -14.11 -9.94
CA ARG C 55 -33.81 -13.98 -10.12
C ARG C 55 -34.51 -15.23 -9.66
N GLU C 56 -33.94 -16.39 -9.95
CA GLU C 56 -34.60 -17.62 -9.48
C GLU C 56 -34.56 -17.75 -7.96
N ALA C 57 -33.48 -17.31 -7.31
CA ALA C 57 -33.42 -17.37 -5.90
C ALA C 57 -34.44 -16.42 -5.27
N MET C 58 -34.69 -15.29 -5.93
CA MET C 58 -35.69 -14.32 -5.45
C MET C 58 -37.08 -14.92 -5.57
N LYS C 59 -37.36 -15.60 -6.67
CA LYS C 59 -38.67 -16.24 -6.85
C LYS C 59 -38.84 -17.35 -5.80
N LYS C 60 -37.80 -18.14 -5.60
CA LYS C 60 -37.85 -19.24 -4.64
C LYS C 60 -38.07 -18.82 -3.22
N HIS C 61 -37.37 -17.78 -2.76
CA HIS C 61 -37.44 -17.36 -1.37
C HIS C 61 -38.31 -16.15 -0.99
N GLN C 62 -38.73 -15.38 -2.00
CA GLN C 62 -39.56 -14.19 -1.76
C GLN C 62 -38.96 -13.38 -0.65
N PRO C 63 -37.69 -13.00 -0.77
CA PRO C 63 -37.03 -12.23 0.30
C PRO C 63 -37.51 -10.80 0.49
N ASP C 64 -37.36 -10.32 1.71
CA ASP C 64 -37.66 -8.91 1.97
C ASP C 64 -36.40 -8.07 1.82
N ILE C 65 -35.23 -8.71 2.06
CA ILE C 65 -33.95 -8.04 2.04
C ILE C 65 -33.01 -8.97 1.26
N ILE C 66 -32.13 -8.41 0.42
CA ILE C 66 -31.18 -9.25 -0.34
C ILE C 66 -29.78 -8.63 -0.15
N ILE C 67 -28.81 -9.44 0.31
CA ILE C 67 -27.46 -8.95 0.44
C ILE C 67 -26.56 -9.88 -0.40
N CYS C 68 -26.03 -9.36 -1.51
CA CYS C 68 -25.10 -10.20 -2.34
C CYS C 68 -23.70 -9.91 -1.83
N VAL C 69 -22.88 -10.97 -1.72
CA VAL C 69 -21.54 -10.86 -1.15
C VAL C 69 -20.50 -11.32 -2.18
N GLY C 70 -19.38 -10.57 -2.24
CA GLY C 70 -18.30 -10.91 -3.18
C GLY C 70 -17.02 -10.59 -2.49
N GLN C 71 -15.92 -11.08 -3.06
CA GLN C 71 -14.63 -10.80 -2.41
C GLN C 71 -13.85 -9.73 -3.16
N ALA C 72 -13.32 -8.74 -2.44
CA ALA C 72 -12.51 -7.74 -3.05
C ALA C 72 -11.09 -7.93 -2.50
N GLY C 73 -10.30 -8.80 -3.13
CA GLY C 73 -8.97 -9.06 -2.53
C GLY C 73 -8.14 -7.78 -2.51
N GLY C 74 -7.42 -7.61 -1.39
CA GLY C 74 -6.65 -6.39 -1.20
C GLY C 74 -7.28 -5.42 -0.21
N ARG C 75 -8.62 -5.46 -0.08
CA ARG C 75 -9.24 -4.59 0.91
C ARG C 75 -8.94 -5.10 2.32
N MET C 76 -9.03 -4.16 3.29
CA MET C 76 -8.68 -4.46 4.70
C MET C 76 -9.85 -4.40 5.65
N GLN C 77 -11.06 -4.22 5.09
CA GLN C 77 -12.23 -4.08 5.88
C GLN C 77 -13.42 -4.74 5.20
N ILE C 78 -14.49 -4.99 5.96
CA ILE C 78 -15.78 -5.43 5.35
C ILE C 78 -16.29 -4.13 4.71
N THR C 79 -16.69 -4.16 3.44
CA THR C 79 -17.14 -2.94 2.79
C THR C 79 -18.48 -2.96 2.04
N PRO C 80 -19.54 -2.55 2.72
CA PRO C 80 -20.84 -2.45 2.06
C PRO C 80 -20.66 -1.38 0.94
N GLU C 81 -21.29 -1.61 -0.20
CA GLU C 81 -21.17 -0.76 -1.37
C GLU C 81 -22.29 0.28 -1.50
N ARG C 82 -21.92 1.53 -1.75
CA ARG C 82 -22.93 2.54 -1.92
C ARG C 82 -23.61 2.58 -3.28
N VAL C 83 -22.84 2.27 -4.34
CA VAL C 83 -23.36 2.49 -5.68
C VAL C 83 -22.90 1.45 -6.68
N ALA C 84 -23.87 1.04 -7.52
CA ALA C 84 -23.64 0.07 -8.59
C ALA C 84 -23.63 0.80 -9.93
N ILE C 85 -22.70 0.47 -10.84
CA ILE C 85 -22.68 1.18 -12.11
C ILE C 85 -23.02 0.28 -13.32
N ASN C 86 -23.54 0.93 -14.37
CA ASN C 86 -24.09 0.20 -15.54
C ASN C 86 -23.00 -0.08 -16.56
N LEU C 87 -22.06 -0.88 -16.12
CA LEU C 87 -20.88 -1.21 -16.97
C LEU C 87 -20.24 -2.53 -16.66
N ASN C 88 -20.02 -3.34 -17.71
CA ASN C 88 -19.21 -4.57 -17.56
C ASN C 88 -17.87 -4.22 -18.25
N GLU C 89 -16.78 -4.26 -17.48
CA GLU C 89 -15.44 -3.95 -18.03
C GLU C 89 -14.53 -4.98 -17.35
N ALA C 90 -14.25 -6.07 -18.08
CA ALA C 90 -13.52 -7.21 -17.51
C ALA C 90 -12.06 -7.31 -17.99
N ARG C 91 -11.15 -7.37 -17.03
CA ARG C 91 -9.76 -7.45 -17.41
C ARG C 91 -9.35 -8.91 -17.63
N ILE C 92 -10.17 -9.83 -17.18
CA ILE C 92 -9.93 -11.27 -17.34
C ILE C 92 -11.34 -11.83 -17.60
N PRO C 93 -11.44 -13.04 -18.14
CA PRO C 93 -12.75 -13.62 -18.41
C PRO C 93 -13.40 -14.14 -17.16
N ASP C 94 -14.72 -14.24 -17.21
CA ASP C 94 -15.46 -14.85 -16.13
C ASP C 94 -15.34 -16.38 -16.26
N ASN C 95 -16.09 -17.14 -15.48
CA ASN C 95 -15.97 -18.61 -15.49
C ASN C 95 -16.43 -19.27 -16.79
N GLU C 96 -17.08 -18.54 -17.68
CA GLU C 96 -17.54 -19.12 -18.94
C GLU C 96 -16.96 -18.41 -20.15
N GLY C 97 -15.81 -17.80 -19.90
CA GLY C 97 -15.08 -17.13 -20.99
C GLY C 97 -15.55 -15.76 -21.47
N ASN C 98 -16.55 -15.17 -20.81
CA ASN C 98 -17.05 -13.86 -21.24
C ASN C 98 -16.12 -12.79 -20.71
N GLN C 99 -15.63 -11.91 -21.59
CA GLN C 99 -14.75 -10.82 -21.17
C GLN C 99 -15.27 -9.55 -21.80
N PRO C 100 -16.41 -9.09 -21.32
CA PRO C 100 -17.01 -7.87 -21.86
C PRO C 100 -16.14 -6.68 -21.59
N VAL C 101 -16.10 -5.79 -22.58
CA VAL C 101 -15.37 -4.52 -22.46
C VAL C 101 -16.30 -3.38 -22.92
N GLY C 102 -16.43 -2.33 -22.10
CA GLY C 102 -17.26 -1.18 -22.47
C GLY C 102 -18.73 -1.47 -22.73
N GLU C 103 -19.25 -2.47 -22.03
CA GLU C 103 -20.60 -2.93 -22.23
C GLU C 103 -21.61 -2.47 -21.20
N ASP C 104 -22.76 -2.03 -21.64
CA ASP C 104 -23.84 -1.63 -20.68
C ASP C 104 -24.40 -2.91 -20.09
N ILE C 105 -24.83 -2.86 -18.83
CA ILE C 105 -25.49 -4.01 -18.25
C ILE C 105 -26.95 -3.94 -18.69
N SER C 106 -27.57 -2.77 -18.59
CA SER C 106 -28.96 -2.62 -19.03
C SER C 106 -28.95 -1.48 -20.03
N GLN C 107 -29.26 -1.83 -21.29
CA GLN C 107 -29.23 -0.84 -22.36
C GLN C 107 -30.34 0.16 -22.04
N GLY C 108 -30.04 1.46 -22.02
CA GLY C 108 -31.05 2.43 -21.64
C GLY C 108 -31.31 2.52 -20.12
N GLY C 109 -30.69 1.63 -19.30
CA GLY C 109 -30.90 1.66 -17.82
C GLY C 109 -30.12 2.85 -17.28
N PRO C 110 -30.30 3.20 -15.99
CA PRO C 110 -29.58 4.35 -15.45
C PRO C 110 -28.09 4.08 -15.36
N ALA C 111 -27.29 5.13 -15.39
CA ALA C 111 -25.85 4.98 -15.24
C ALA C 111 -25.52 4.30 -13.92
N ALA C 112 -26.31 4.57 -12.87
CA ALA C 112 -26.04 3.91 -11.57
C ALA C 112 -27.30 3.70 -10.76
N TYR C 113 -27.18 2.80 -9.80
CA TYR C 113 -28.25 2.60 -8.79
C TYR C 113 -27.60 2.70 -7.44
N TRP C 114 -28.30 3.38 -6.51
CA TRP C 114 -27.82 3.41 -5.15
C TRP C 114 -28.22 2.15 -4.40
N THR C 115 -27.42 1.77 -3.37
CA THR C 115 -27.86 0.64 -2.55
C THR C 115 -29.18 0.91 -1.82
N GLY C 116 -29.90 -0.17 -1.50
CA GLY C 116 -31.13 -0.09 -0.71
C GLY C 116 -30.91 -0.48 0.74
N LEU C 117 -29.68 -0.83 1.14
CA LEU C 117 -29.34 -1.20 2.51
C LEU C 117 -28.90 -0.02 3.39
N PRO C 118 -29.07 -0.13 4.71
CA PRO C 118 -28.67 0.94 5.67
C PRO C 118 -27.19 0.71 5.97
N ILE C 119 -26.38 1.03 4.96
CA ILE C 119 -24.99 0.71 5.08
C ILE C 119 -24.19 1.44 6.10
N LYS C 120 -24.56 2.68 6.44
CA LYS C 120 -23.77 3.33 7.52
C LYS C 120 -24.05 2.64 8.85
N ARG C 121 -25.30 2.27 9.08
CA ARG C 121 -25.66 1.52 10.28
C ARG C 121 -24.90 0.19 10.33
N ILE C 122 -24.89 -0.51 9.20
CA ILE C 122 -24.20 -1.78 9.12
C ILE C 122 -22.72 -1.62 9.45
N VAL C 123 -22.07 -0.63 8.86
CA VAL C 123 -20.65 -0.40 9.15
C VAL C 123 -20.46 -0.13 10.63
N GLU C 124 -21.30 0.72 11.20
CA GLU C 124 -21.14 1.01 12.64
C GLU C 124 -21.37 -0.22 13.53
N GLU C 125 -22.34 -1.07 13.19
CA GLU C 125 -22.62 -2.23 14.03
C GLU C 125 -21.50 -3.28 13.91
N ILE C 126 -20.84 -3.32 12.73
CA ILE C 126 -19.76 -4.28 12.59
C ILE C 126 -18.58 -3.78 13.41
N LYS C 127 -18.31 -2.49 13.35
CA LYS C 127 -17.16 -1.96 14.11
C LYS C 127 -17.42 -2.10 15.59
N LYS C 128 -18.68 -1.99 16.00
CA LYS C 128 -19.01 -2.14 17.44
C LYS C 128 -18.59 -3.51 17.95
N GLU C 129 -18.54 -4.47 17.06
CA GLU C 129 -18.11 -5.82 17.42
C GLU C 129 -16.63 -6.09 17.20
N GLY C 130 -15.86 -5.03 16.93
CA GLY C 130 -14.41 -5.18 16.82
C GLY C 130 -13.91 -5.58 15.45
N ILE C 131 -14.78 -5.50 14.44
CA ILE C 131 -14.39 -5.89 13.08
C ILE C 131 -14.32 -4.63 12.16
N PRO C 132 -13.23 -4.45 11.39
CA PRO C 132 -13.11 -3.29 10.53
C PRO C 132 -14.15 -3.29 9.39
N ALA C 133 -14.64 -2.09 9.13
CA ALA C 133 -15.69 -1.91 8.09
C ALA C 133 -15.69 -0.49 7.66
N ALA C 134 -16.10 -0.29 6.40
CA ALA C 134 -16.19 1.04 5.85
C ALA C 134 -17.07 1.05 4.61
N VAL C 135 -17.67 2.20 4.34
CA VAL C 135 -18.46 2.28 3.07
C VAL C 135 -17.48 2.39 1.89
N SER C 136 -17.80 1.67 0.79
CA SER C 136 -17.02 1.75 -0.46
C SER C 136 -17.95 2.42 -1.52
N TYR C 137 -17.35 3.23 -2.41
CA TYR C 137 -18.06 3.94 -3.49
C TYR C 137 -17.76 3.37 -4.86
N THR C 138 -17.06 2.24 -4.91
CA THR C 138 -16.95 1.56 -6.21
C THR C 138 -16.88 0.06 -5.93
N ALA C 139 -17.75 -0.69 -6.60
CA ALA C 139 -17.76 -2.15 -6.51
C ALA C 139 -16.95 -2.77 -7.66
N GLY C 140 -16.19 -1.94 -8.36
CA GLY C 140 -15.45 -2.44 -9.52
C GLY C 140 -16.32 -2.53 -10.75
N THR C 141 -15.83 -3.31 -11.76
CA THR C 141 -16.56 -3.47 -13.02
C THR C 141 -16.63 -4.89 -13.51
N PHE C 142 -16.38 -5.85 -12.61
CA PHE C 142 -16.40 -7.24 -12.93
C PHE C 142 -17.76 -7.85 -12.51
N VAL C 143 -17.78 -9.17 -12.23
CA VAL C 143 -19.03 -9.81 -11.94
C VAL C 143 -19.67 -9.30 -10.63
N CYS C 144 -18.86 -8.87 -9.67
CA CYS C 144 -19.46 -8.38 -8.40
C CYS C 144 -20.32 -7.15 -8.64
N ASN C 145 -19.75 -6.12 -9.29
CA ASN C 145 -20.52 -4.93 -9.58
C ASN C 145 -21.72 -5.31 -10.49
N HIS C 146 -21.51 -6.22 -11.43
CA HIS C 146 -22.54 -6.66 -12.37
C HIS C 146 -23.76 -7.18 -11.59
N LEU C 147 -23.50 -8.07 -10.64
CA LEU C 147 -24.60 -8.69 -9.82
C LEU C 147 -25.24 -7.56 -8.97
N PHE C 148 -24.43 -6.65 -8.46
CA PHE C 148 -25.01 -5.52 -7.67
C PHE C 148 -25.95 -4.66 -8.55
N TYR C 149 -25.48 -4.26 -9.72
CA TYR C 149 -26.33 -3.44 -10.61
C TYR C 149 -27.54 -4.22 -11.02
N GLY C 150 -27.35 -5.49 -11.42
CA GLY C 150 -28.52 -6.29 -11.82
C GLY C 150 -29.53 -6.47 -10.68
N LEU C 151 -29.08 -6.70 -9.48
CA LEU C 151 -29.98 -6.78 -8.34
C LEU C 151 -30.77 -5.47 -8.21
N MET C 152 -30.09 -4.33 -8.24
CA MET C 152 -30.86 -3.09 -8.04
C MET C 152 -31.83 -2.81 -9.16
N ASP C 153 -31.47 -3.24 -10.37
CA ASP C 153 -32.28 -3.01 -11.55
C ASP C 153 -33.52 -3.91 -11.45
N GLU C 154 -33.33 -5.20 -11.05
CA GLU C 154 -34.47 -6.10 -10.90
C GLU C 154 -35.40 -5.57 -9.80
N ILE C 155 -34.84 -5.06 -8.69
CA ILE C 155 -35.65 -4.51 -7.61
C ILE C 155 -36.44 -3.30 -8.14
N SER C 156 -35.77 -2.34 -8.77
CA SER C 156 -36.45 -1.17 -9.23
C SER C 156 -37.57 -1.45 -10.24
N ARG C 157 -37.31 -2.38 -11.15
CA ARG C 157 -38.27 -2.61 -12.22
C ARG C 157 -39.37 -3.56 -11.87
N HIS C 158 -39.10 -4.48 -10.97
CA HIS C 158 -40.03 -5.55 -10.72
C HIS C 158 -40.41 -5.85 -9.28
N HIS C 159 -39.59 -5.48 -8.30
CA HIS C 159 -39.92 -5.82 -6.90
C HIS C 159 -39.42 -4.69 -6.05
N PRO C 160 -40.04 -3.53 -6.17
CA PRO C 160 -39.56 -2.38 -5.42
C PRO C 160 -39.60 -2.37 -3.92
N HIS C 161 -40.37 -3.26 -3.32
CA HIS C 161 -40.43 -3.33 -1.86
C HIS C 161 -39.11 -3.89 -1.28
N ILE C 162 -38.33 -4.63 -2.09
CA ILE C 162 -37.18 -5.30 -1.49
C ILE C 162 -36.06 -4.32 -1.18
N ARG C 163 -35.37 -4.49 -0.05
CA ARG C 163 -34.21 -3.67 0.29
C ARG C 163 -33.01 -4.54 -0.09
N GLY C 164 -32.26 -4.10 -1.10
CA GLY C 164 -31.11 -4.89 -1.56
C GLY C 164 -29.82 -4.13 -1.66
N GLY C 165 -28.71 -4.86 -1.60
CA GLY C 165 -27.44 -4.21 -1.80
C GLY C 165 -26.34 -5.25 -1.90
N PHE C 166 -25.10 -4.77 -1.79
CA PHE C 166 -23.92 -5.63 -1.97
C PHE C 166 -22.89 -5.33 -0.90
N ILE C 167 -22.20 -6.37 -0.42
CA ILE C 167 -21.11 -6.16 0.55
C ILE C 167 -19.88 -6.94 0.04
N HIS C 168 -18.75 -6.26 -0.08
CA HIS C 168 -17.49 -6.95 -0.43
C HIS C 168 -16.76 -7.29 0.88
N ILE C 169 -16.02 -8.40 0.82
CA ILE C 169 -15.23 -8.89 1.96
C ILE C 169 -13.80 -9.07 1.48
N PRO C 170 -12.87 -9.00 2.42
CA PRO C 170 -11.44 -9.20 2.05
C PRO C 170 -11.10 -10.67 1.79
N TYR C 171 -9.83 -10.91 1.45
CA TYR C 171 -9.35 -12.28 1.38
C TYR C 171 -9.44 -12.86 2.82
N ILE C 172 -9.38 -14.19 2.90
CA ILE C 172 -9.22 -14.89 4.19
C ILE C 172 -7.71 -15.19 4.22
N PRO C 173 -7.16 -15.42 5.39
CA PRO C 173 -5.71 -15.64 5.47
C PRO C 173 -5.12 -16.72 4.62
N GLU C 174 -5.85 -17.81 4.47
CA GLU C 174 -5.40 -18.96 3.67
C GLU C 174 -5.19 -18.61 2.21
N GLN C 175 -5.74 -17.47 1.73
CA GLN C 175 -5.54 -17.01 0.36
C GLN C 175 -4.32 -16.13 0.21
N THR C 176 -3.57 -15.94 1.30
CA THR C 176 -2.49 -14.95 1.25
C THR C 176 -1.16 -15.56 1.64
N LEU C 177 -1.03 -16.85 1.39
CA LEU C 177 0.21 -17.55 1.79
C LEU C 177 1.36 -17.45 0.79
N GLN C 178 1.04 -17.27 -0.49
CA GLN C 178 2.07 -17.21 -1.53
C GLN C 178 2.44 -15.78 -1.92
N LYS C 179 1.51 -14.87 -1.70
CA LYS C 179 1.75 -13.46 -1.99
C LYS C 179 1.06 -12.68 -0.88
N SER C 180 1.82 -11.84 -0.21
CA SER C 180 1.31 -11.09 0.92
C SER C 180 0.14 -10.17 0.57
N ALA C 181 -0.87 -10.15 1.45
CA ALA C 181 -2.04 -9.29 1.22
C ALA C 181 -2.84 -9.28 2.48
N PRO C 182 -3.64 -8.23 2.68
CA PRO C 182 -4.46 -8.17 3.91
C PRO C 182 -5.57 -9.21 3.86
N SER C 183 -6.01 -9.59 5.04
CA SER C 183 -7.11 -10.55 5.13
C SER C 183 -7.89 -10.36 6.43
N LEU C 184 -9.04 -11.02 6.51
CA LEU C 184 -9.82 -11.11 7.75
C LEU C 184 -10.20 -12.58 7.87
N SER C 185 -10.31 -13.09 9.09
CA SER C 185 -10.63 -14.51 9.25
C SER C 185 -12.04 -14.85 8.77
N LEU C 186 -12.24 -16.09 8.35
CA LEU C 186 -13.59 -16.50 7.90
C LEU C 186 -14.59 -16.32 9.04
N ASP C 187 -14.15 -16.56 10.28
CA ASP C 187 -15.06 -16.38 11.39
C ASP C 187 -15.46 -14.94 11.54
N HIS C 188 -14.52 -14.02 11.40
CA HIS C 188 -14.86 -12.58 11.56
C HIS C 188 -15.76 -12.10 10.39
N ILE C 189 -15.46 -12.55 9.18
CA ILE C 189 -16.30 -12.18 8.01
C ILE C 189 -17.67 -12.72 8.20
N THR C 190 -17.83 -13.98 8.64
CA THR C 190 -19.17 -14.55 8.85
C THR C 190 -19.95 -13.79 9.89
N LYS C 191 -19.30 -13.41 10.98
CA LYS C 191 -19.94 -12.62 12.03
C LYS C 191 -20.36 -11.27 11.46
N ALA C 192 -19.50 -10.61 10.67
CA ALA C 192 -19.88 -9.31 10.12
C ALA C 192 -21.09 -9.46 9.21
N LEU C 193 -21.15 -10.53 8.41
CA LEU C 193 -22.30 -10.68 7.49
C LEU C 193 -23.56 -10.95 8.29
N LYS C 194 -23.45 -11.73 9.38
CA LYS C 194 -24.62 -11.95 10.26
C LYS C 194 -25.07 -10.57 10.80
N ILE C 195 -24.16 -9.74 11.31
CA ILE C 195 -24.53 -8.41 11.82
C ILE C 195 -25.19 -7.58 10.73
N ALA C 196 -24.66 -7.66 9.50
CA ALA C 196 -25.30 -6.89 8.44
C ALA C 196 -26.76 -7.32 8.19
N ALA C 197 -26.98 -8.63 8.17
CA ALA C 197 -28.30 -9.15 7.93
C ALA C 197 -29.23 -8.72 9.07
N VAL C 198 -28.78 -8.81 10.31
CA VAL C 198 -29.64 -8.44 11.45
C VAL C 198 -29.96 -6.97 11.44
N THR C 199 -28.96 -6.17 11.13
CA THR C 199 -29.09 -4.72 11.11
C THR C 199 -30.09 -4.34 10.05
N ALA C 200 -29.94 -4.88 8.84
CA ALA C 200 -30.89 -4.56 7.80
C ALA C 200 -32.31 -5.03 8.13
N ALA C 201 -32.46 -6.20 8.74
CA ALA C 201 -33.80 -6.65 9.07
C ALA C 201 -34.39 -5.78 10.18
N ALA C 202 -33.58 -5.28 11.08
CA ALA C 202 -34.10 -4.48 12.19
C ALA C 202 -34.35 -3.01 11.83
N HIS C 203 -33.68 -2.52 10.76
CA HIS C 203 -33.80 -1.13 10.35
C HIS C 203 -33.89 -0.87 8.85
N GLU C 204 -35.00 -0.32 8.38
CA GLU C 204 -35.07 -0.01 6.95
C GLU C 204 -34.23 1.26 6.75
N ASP C 205 -34.36 2.15 7.71
CA ASP C 205 -33.70 3.43 7.65
C ASP C 205 -32.25 3.45 8.08
N ASP C 206 -31.42 4.21 7.35
CA ASP C 206 -30.02 4.33 7.72
C ASP C 206 -29.79 5.48 8.67
N ILE C 207 -28.63 5.50 9.31
CA ILE C 207 -28.30 6.61 10.22
C ILE C 207 -27.66 7.75 9.42
N GLU D 2 12.42 -32.54 26.37
CA GLU D 2 11.59 -31.34 26.75
C GLU D 2 12.43 -30.06 26.76
N LYS D 3 12.08 -29.07 25.93
CA LYS D 3 12.85 -27.83 25.92
C LYS D 3 11.99 -26.74 26.53
N LYS D 4 12.56 -25.97 27.46
CA LYS D 4 11.84 -24.87 28.09
C LYS D 4 11.93 -23.68 27.13
N VAL D 5 10.77 -23.21 26.68
CA VAL D 5 10.72 -22.08 25.75
C VAL D 5 10.15 -20.85 26.47
N LEU D 6 10.94 -19.77 26.54
CA LEU D 6 10.47 -18.54 27.14
C LEU D 6 9.98 -17.61 26.04
N LEU D 7 8.73 -17.19 26.15
CA LEU D 7 8.16 -16.19 25.21
C LEU D 7 7.99 -14.86 25.94
N THR D 8 8.25 -13.76 25.27
CA THR D 8 7.96 -12.48 25.89
C THR D 8 7.03 -11.66 25.00
N GLY D 9 6.27 -10.77 25.65
CA GLY D 9 5.38 -9.85 24.96
C GLY D 9 5.49 -8.52 25.67
N PHE D 10 5.16 -7.43 25.03
CA PHE D 10 5.26 -6.10 25.62
C PHE D 10 4.09 -5.60 26.46
N ASP D 11 4.38 -4.70 27.41
CA ASP D 11 3.33 -4.14 28.24
C ASP D 11 2.59 -3.09 27.43
N PRO D 12 1.48 -2.57 27.98
CA PRO D 12 0.72 -1.57 27.21
C PRO D 12 1.53 -0.34 26.76
N PHE D 13 1.35 0.05 25.49
CA PHE D 13 2.05 1.19 24.95
C PHE D 13 1.10 2.36 24.65
N GLY D 14 1.66 3.55 24.58
CA GLY D 14 0.90 4.77 24.35
C GLY D 14 -0.13 4.77 23.25
N GLY D 15 -1.38 5.01 23.65
CA GLY D 15 -2.44 5.05 22.66
C GLY D 15 -3.23 3.76 22.67
N GLU D 16 -2.51 2.65 22.84
CA GLU D 16 -3.12 1.35 22.90
C GLU D 16 -3.50 1.11 24.35
N THR D 17 -4.50 0.27 24.56
CA THR D 17 -4.94 -0.09 25.89
C THR D 17 -4.66 -1.57 25.90
N VAL D 18 -4.17 -2.06 24.75
CA VAL D 18 -3.90 -3.48 24.58
C VAL D 18 -2.62 -3.85 23.85
N ASN D 19 -1.69 -4.58 24.48
CA ASN D 19 -0.61 -4.96 23.58
C ASN D 19 -0.83 -6.38 23.21
N PRO D 20 -1.21 -6.59 21.96
CA PRO D 20 -1.46 -7.96 21.49
C PRO D 20 -0.27 -8.91 21.55
N SER D 21 0.98 -8.41 21.58
CA SER D 21 2.06 -9.39 21.68
C SER D 21 1.93 -10.07 23.01
N TRP D 22 1.54 -9.31 24.05
CA TRP D 22 1.38 -9.87 25.41
C TRP D 22 0.08 -10.68 25.47
N GLU D 23 -1.00 -10.19 24.87
CA GLU D 23 -2.23 -10.98 24.89
C GLU D 23 -2.06 -12.37 24.29
N ALA D 24 -1.31 -12.47 23.20
CA ALA D 24 -1.06 -13.75 22.57
C ALA D 24 -0.11 -14.63 23.40
N VAL D 25 1.05 -14.09 23.81
CA VAL D 25 1.92 -15.00 24.54
C VAL D 25 1.41 -15.39 25.91
N LYS D 26 0.63 -14.51 26.54
CA LYS D 26 0.08 -14.86 27.86
C LYS D 26 -0.75 -16.13 27.75
N ARG D 27 -1.49 -16.26 26.66
CA ARG D 27 -2.31 -17.46 26.48
C ARG D 27 -1.55 -18.78 26.48
N LEU D 28 -0.26 -18.68 26.17
CA LEU D 28 0.55 -19.85 26.04
C LEU D 28 1.37 -20.17 27.30
N ASN D 29 1.23 -19.36 28.33
CA ASN D 29 2.02 -19.58 29.54
C ASN D 29 1.66 -20.91 30.18
N GLY D 30 2.66 -21.76 30.41
CA GLY D 30 2.37 -23.07 30.96
C GLY D 30 1.97 -24.13 29.95
N ALA D 31 1.82 -23.78 28.67
CA ALA D 31 1.44 -24.78 27.68
C ALA D 31 2.53 -25.79 27.36
N ALA D 32 2.16 -27.05 27.17
CA ALA D 32 3.12 -28.09 26.83
C ALA D 32 2.63 -28.76 25.54
N GLU D 33 3.50 -28.81 24.53
CA GLU D 33 3.14 -29.47 23.27
C GLU D 33 4.35 -30.06 22.69
N GLY D 34 4.28 -31.36 22.40
CA GLY D 34 5.44 -32.03 21.86
C GLY D 34 6.65 -31.79 22.75
N PRO D 35 7.78 -31.37 22.17
CA PRO D 35 9.01 -31.11 22.91
C PRO D 35 9.06 -29.73 23.59
N ALA D 36 8.00 -28.95 23.48
CA ALA D 36 8.00 -27.63 24.09
C ALA D 36 7.21 -27.48 25.39
N SER D 37 7.86 -26.90 26.38
CA SER D 37 7.24 -26.55 27.65
C SER D 37 7.39 -25.02 27.65
N ILE D 38 6.26 -24.31 27.52
CA ILE D 38 6.30 -22.85 27.40
C ILE D 38 6.03 -22.02 28.62
N VAL D 39 6.79 -20.95 28.80
CA VAL D 39 6.51 -19.97 29.85
C VAL D 39 6.53 -18.60 29.23
N SER D 40 5.72 -17.68 29.73
CA SER D 40 5.68 -16.34 29.18
C SER D 40 5.90 -15.28 30.21
N GLU D 41 6.57 -14.21 29.80
CA GLU D 41 6.80 -13.08 30.65
C GLU D 41 6.62 -11.79 29.93
N GLN D 42 6.09 -10.79 30.62
CA GLN D 42 5.89 -9.50 30.04
C GLN D 42 7.11 -8.57 30.23
N VAL D 43 7.43 -7.80 29.21
CA VAL D 43 8.54 -6.86 29.30
C VAL D 43 8.00 -5.46 29.04
N PRO D 44 8.54 -4.46 29.74
CA PRO D 44 8.06 -3.10 29.52
C PRO D 44 8.56 -2.52 28.18
N THR D 45 7.76 -1.65 27.57
CA THR D 45 8.12 -1.03 26.31
C THR D 45 8.96 0.19 26.70
N VAL D 46 10.16 -0.10 27.14
CA VAL D 46 11.07 0.91 27.60
C VAL D 46 12.49 0.49 27.25
N PHE D 47 13.26 1.37 26.65
CA PHE D 47 14.63 1.03 26.35
C PHE D 47 15.37 0.79 27.69
N TYR D 48 16.34 -0.12 27.66
CA TYR D 48 17.26 -0.49 28.78
C TYR D 48 16.50 -1.30 29.82
N LYS D 49 15.37 -0.78 30.35
CA LYS D 49 14.60 -1.59 31.34
C LYS D 49 14.04 -2.89 30.75
N SER D 50 13.69 -2.87 29.47
CA SER D 50 13.19 -4.08 28.84
C SER D 50 14.23 -5.19 28.90
N LEU D 51 15.49 -4.82 28.63
CA LEU D 51 16.59 -5.80 28.68
C LEU D 51 16.79 -6.33 30.12
N ALA D 52 16.61 -5.46 31.12
CA ALA D 52 16.80 -5.88 32.55
C ALA D 52 15.72 -6.92 32.88
N VAL D 53 14.48 -6.64 32.48
CA VAL D 53 13.38 -7.57 32.74
C VAL D 53 13.60 -8.87 32.02
N LEU D 54 14.10 -8.80 30.77
CA LEU D 54 14.36 -10.03 30.05
C LEU D 54 15.42 -10.87 30.78
N ARG D 55 16.49 -10.22 31.21
CA ARG D 55 17.56 -10.96 31.91
C ARG D 55 17.02 -11.63 33.18
N GLU D 56 16.11 -10.95 33.89
CA GLU D 56 15.54 -11.54 35.11
C GLU D 56 14.67 -12.76 34.78
N ALA D 57 13.94 -12.66 33.65
CA ALA D 57 13.09 -13.76 33.23
C ALA D 57 13.95 -14.93 32.84
N MET D 58 15.10 -14.65 32.21
CA MET D 58 16.01 -15.70 31.80
C MET D 58 16.64 -16.38 33.05
N LYS D 59 16.94 -15.58 34.06
CA LYS D 59 17.52 -16.12 35.31
C LYS D 59 16.48 -17.03 35.96
N LYS D 60 15.25 -16.57 36.06
CA LYS D 60 14.19 -17.37 36.68
C LYS D 60 13.85 -18.68 35.98
N HIS D 61 13.69 -18.63 34.66
CA HIS D 61 13.30 -19.79 33.91
C HIS D 61 14.32 -20.71 33.34
N GLN D 62 15.56 -20.23 33.20
CA GLN D 62 16.62 -21.03 32.59
C GLN D 62 16.14 -21.67 31.31
N PRO D 63 15.63 -20.82 30.41
CA PRO D 63 15.14 -21.38 29.15
C PRO D 63 16.17 -21.92 28.23
N ASP D 64 15.74 -22.87 27.43
CA ASP D 64 16.60 -23.40 26.39
C ASP D 64 16.40 -22.57 25.12
N ILE D 65 15.21 -21.99 24.97
CA ILE D 65 14.88 -21.27 23.75
C ILE D 65 14.17 -20.02 24.18
N ILE D 66 14.46 -18.89 23.55
CA ILE D 66 13.78 -17.65 23.88
C ILE D 66 13.21 -17.02 22.59
N ILE D 67 11.90 -16.71 22.58
CA ILE D 67 11.31 -16.02 21.42
C ILE D 67 10.65 -14.77 21.95
N CYS D 68 11.18 -13.60 21.61
CA CYS D 68 10.61 -12.33 22.06
C CYS D 68 9.64 -11.91 20.94
N VAL D 69 8.49 -11.37 21.34
CA VAL D 69 7.45 -11.03 20.35
C VAL D 69 7.06 -9.58 20.47
N GLY D 70 6.83 -8.91 19.33
CA GLY D 70 6.49 -7.51 19.32
C GLY D 70 5.52 -7.28 18.17
N GLN D 71 4.84 -6.15 18.19
CA GLN D 71 3.87 -5.87 17.12
C GLN D 71 4.47 -4.94 16.07
N ALA D 72 4.29 -5.27 14.80
CA ALA D 72 4.77 -4.42 13.71
C ALA D 72 3.49 -4.01 12.93
N GLY D 73 2.80 -2.96 13.41
CA GLY D 73 1.57 -2.51 12.75
C GLY D 73 1.82 -2.18 11.30
N GLY D 74 0.97 -2.70 10.43
CA GLY D 74 1.11 -2.49 9.01
C GLY D 74 1.51 -3.75 8.26
N ARG D 75 2.16 -4.70 8.93
CA ARG D 75 2.52 -5.93 8.26
C ARG D 75 1.30 -6.84 8.14
N MET D 76 1.38 -7.78 7.18
CA MET D 76 0.19 -8.62 6.92
C MET D 76 0.54 -10.06 7.09
N GLN D 77 1.64 -10.34 7.79
CA GLN D 77 2.06 -11.72 8.00
C GLN D 77 2.74 -11.83 9.37
N ILE D 78 2.85 -13.06 9.90
CA ILE D 78 3.70 -13.31 11.11
C ILE D 78 5.13 -13.25 10.51
N THR D 79 6.03 -12.42 11.12
CA THR D 79 7.35 -12.31 10.53
C THR D 79 8.53 -12.54 11.49
N PRO D 80 9.08 -13.76 11.49
CA PRO D 80 10.26 -14.05 12.33
C PRO D 80 11.35 -13.14 11.72
N GLU D 81 12.25 -12.59 12.56
CA GLU D 81 13.29 -11.63 12.13
C GLU D 81 14.63 -12.29 11.92
N ARG D 82 15.31 -11.97 10.84
CA ARG D 82 16.59 -12.60 10.63
C ARG D 82 17.74 -11.88 11.34
N VAL D 83 17.61 -10.57 11.55
CA VAL D 83 18.80 -9.85 12.04
C VAL D 83 18.47 -8.66 12.91
N ALA D 84 19.25 -8.52 13.99
CA ALA D 84 19.08 -7.42 14.94
C ALA D 84 20.24 -6.48 14.73
N ILE D 85 19.99 -5.17 14.83
CA ILE D 85 21.10 -4.25 14.58
C ILE D 85 21.37 -3.41 15.86
N ASN D 86 22.62 -2.97 15.96
CA ASN D 86 23.13 -2.31 17.19
C ASN D 86 22.82 -0.81 17.18
N LEU D 87 21.52 -0.49 17.21
CA LEU D 87 21.14 0.93 17.11
C LEU D 87 19.78 1.21 17.74
N ASN D 88 19.72 2.26 18.57
CA ASN D 88 18.44 2.73 19.10
C ASN D 88 18.25 4.02 18.31
N GLU D 89 17.18 4.09 17.53
CA GLU D 89 16.87 5.29 16.75
C GLU D 89 15.35 5.41 16.89
N ALA D 90 14.90 6.25 17.82
CA ALA D 90 13.47 6.38 18.12
C ALA D 90 12.80 7.64 17.60
N ARG D 91 11.76 7.47 16.82
CA ARG D 91 11.05 8.63 16.29
C ARG D 91 9.98 9.11 17.28
N ILE D 92 9.64 8.27 18.25
CA ILE D 92 8.67 8.59 19.29
C ILE D 92 9.28 8.11 20.61
N PRO D 93 8.85 8.67 21.76
CA PRO D 93 9.45 8.20 23.03
C PRO D 93 8.91 6.84 23.47
N ASP D 94 9.61 6.15 24.36
CA ASP D 94 9.12 4.89 24.89
C ASP D 94 8.15 5.25 26.03
N ASN D 95 7.70 4.26 26.79
CA ASN D 95 6.74 4.55 27.87
C ASN D 95 7.28 5.36 29.03
N GLU D 96 8.59 5.55 29.10
CA GLU D 96 9.18 6.35 30.20
C GLU D 96 9.83 7.63 29.66
N GLY D 97 9.44 8.01 28.44
CA GLY D 97 9.96 9.22 27.81
C GLY D 97 11.35 9.17 27.17
N ASN D 98 11.98 7.99 27.05
CA ASN D 98 13.31 7.91 26.44
C ASN D 98 13.12 7.92 24.94
N GLN D 99 13.88 8.76 24.25
CA GLN D 99 13.80 8.85 22.82
C GLN D 99 15.22 8.92 22.29
N PRO D 100 15.97 7.81 22.42
CA PRO D 100 17.38 7.75 21.95
C PRO D 100 17.50 7.96 20.44
N VAL D 101 18.51 8.72 20.04
CA VAL D 101 18.78 8.94 18.60
C VAL D 101 20.26 8.64 18.32
N GLY D 102 20.52 7.79 17.32
CA GLY D 102 21.87 7.44 16.92
C GLY D 102 22.72 6.82 18.01
N GLU D 103 22.10 6.07 18.91
CA GLU D 103 22.84 5.45 20.03
C GLU D 103 23.11 3.96 19.84
N ASP D 104 24.31 3.50 20.17
CA ASP D 104 24.57 2.06 20.08
C ASP D 104 23.80 1.40 21.23
N ILE D 105 23.45 0.13 21.06
CA ILE D 105 22.81 -0.64 22.11
C ILE D 105 23.92 -1.17 22.98
N SER D 106 24.97 -1.70 22.35
CA SER D 106 26.15 -2.24 23.04
C SER D 106 27.38 -1.55 22.50
N GLN D 107 28.07 -0.79 23.34
CA GLN D 107 29.23 -0.09 22.85
C GLN D 107 30.26 -1.15 22.48
N GLY D 108 30.92 -1.09 21.34
CA GLY D 108 31.81 -2.26 21.23
C GLY D 108 31.17 -3.62 20.86
N GLY D 109 29.83 -3.73 20.85
CA GLY D 109 29.26 -4.99 20.37
C GLY D 109 29.26 -4.92 18.82
N PRO D 110 28.92 -6.02 18.16
CA PRO D 110 28.91 -6.01 16.67
C PRO D 110 27.77 -5.19 16.08
N ALA D 111 27.93 -4.77 14.83
CA ALA D 111 26.86 -4.03 14.15
C ALA D 111 25.56 -4.81 14.14
N ALA D 112 25.62 -6.12 13.99
CA ALA D 112 24.38 -6.92 14.04
C ALA D 112 24.62 -8.30 14.63
N TYR D 113 23.51 -8.96 14.99
CA TYR D 113 23.49 -10.35 15.39
C TYR D 113 22.42 -11.01 14.54
N TRP D 114 22.72 -12.23 14.13
CA TRP D 114 21.72 -13.03 13.43
C TRP D 114 20.82 -13.74 14.47
N THR D 115 19.60 -14.06 14.05
CA THR D 115 18.76 -14.85 14.92
C THR D 115 19.36 -16.25 15.13
N GLY D 116 19.01 -16.83 16.26
CA GLY D 116 19.37 -18.20 16.58
C GLY D 116 18.25 -19.19 16.38
N LEU D 117 17.07 -18.72 15.90
CA LEU D 117 15.92 -19.61 15.63
C LEU D 117 15.89 -20.13 14.20
N PRO D 118 15.29 -21.31 13.97
CA PRO D 118 15.17 -21.92 12.63
C PRO D 118 14.00 -21.21 11.95
N ILE D 119 14.22 -19.95 11.57
CA ILE D 119 13.08 -19.21 11.08
C ILE D 119 12.44 -19.63 9.79
N LYS D 120 13.20 -20.25 8.87
CA LYS D 120 12.53 -20.70 7.64
C LYS D 120 11.60 -21.85 7.95
N ARG D 121 12.03 -22.74 8.87
CA ARG D 121 11.18 -23.84 9.30
C ARG D 121 9.90 -23.28 9.95
N ILE D 122 10.09 -22.30 10.82
CA ILE D 122 8.94 -21.69 11.50
C ILE D 122 7.98 -21.07 10.46
N VAL D 123 8.50 -20.28 9.52
CA VAL D 123 7.62 -19.73 8.48
C VAL D 123 6.86 -20.84 7.76
N GLU D 124 7.55 -21.90 7.35
CA GLU D 124 6.85 -22.96 6.63
C GLU D 124 5.79 -23.68 7.46
N GLU D 125 6.09 -23.92 8.72
CA GLU D 125 5.11 -24.63 9.57
C GLU D 125 3.87 -23.75 9.83
N ILE D 126 4.06 -22.43 9.93
CA ILE D 126 2.93 -21.53 10.17
C ILE D 126 2.05 -21.52 8.88
N LYS D 127 2.68 -21.43 7.71
CA LYS D 127 1.92 -21.44 6.45
C LYS D 127 1.22 -22.78 6.27
N LYS D 128 1.80 -23.84 6.78
CA LYS D 128 1.12 -25.16 6.64
C LYS D 128 -0.21 -25.16 7.37
N GLU D 129 -0.30 -24.36 8.39
CA GLU D 129 -1.53 -24.22 9.18
C GLU D 129 -2.47 -23.13 8.63
N GLY D 130 -2.15 -22.61 7.46
CA GLY D 130 -3.00 -21.62 6.78
C GLY D 130 -2.86 -20.18 7.24
N ILE D 131 -1.76 -19.83 7.89
CA ILE D 131 -1.55 -18.47 8.41
C ILE D 131 -0.38 -17.87 7.65
N PRO D 132 -0.51 -16.63 7.18
CA PRO D 132 0.59 -16.02 6.43
C PRO D 132 1.82 -15.70 7.28
N ALA D 133 2.97 -15.96 6.67
CA ALA D 133 4.25 -15.76 7.41
C ALA D 133 5.37 -15.57 6.41
N ALA D 134 6.39 -14.80 6.79
CA ALA D 134 7.55 -14.60 5.95
C ALA D 134 8.70 -14.12 6.84
N VAL D 135 9.91 -14.27 6.34
CA VAL D 135 11.09 -13.78 7.06
C VAL D 135 11.17 -12.29 6.79
N SER D 136 11.53 -11.54 7.84
CA SER D 136 11.78 -10.09 7.75
C SER D 136 13.30 -9.87 7.97
N TYR D 137 13.83 -8.81 7.34
CA TYR D 137 15.27 -8.49 7.47
C TYR D 137 15.49 -7.17 8.15
N THR D 138 14.43 -6.60 8.71
CA THR D 138 14.58 -5.44 9.60
C THR D 138 13.55 -5.49 10.70
N ALA D 139 14.04 -5.44 11.94
CA ALA D 139 13.13 -5.42 13.08
C ALA D 139 12.92 -3.98 13.54
N GLY D 140 13.30 -3.02 12.68
CA GLY D 140 13.11 -1.61 13.07
C GLY D 140 14.25 -1.12 13.95
N THR D 141 14.04 0.03 14.61
CA THR D 141 15.09 0.62 15.42
C THR D 141 14.50 1.12 16.74
N PHE D 142 13.30 0.63 17.07
CA PHE D 142 12.61 1.03 18.29
C PHE D 142 12.84 -0.04 19.40
N VAL D 143 11.95 -0.13 20.38
CA VAL D 143 12.16 -1.10 21.46
C VAL D 143 12.16 -2.55 21.02
N CYS D 144 11.40 -2.92 19.95
CA CYS D 144 11.43 -4.31 19.51
C CYS D 144 12.85 -4.72 19.04
N ASN D 145 13.45 -3.94 18.10
CA ASN D 145 14.82 -4.33 17.69
C ASN D 145 15.81 -4.29 18.90
N HIS D 146 15.58 -3.32 19.79
CA HIS D 146 16.44 -3.19 20.97
C HIS D 146 16.41 -4.48 21.79
N LEU D 147 15.20 -4.98 22.06
CA LEU D 147 15.08 -6.23 22.80
C LEU D 147 15.73 -7.42 22.07
N PHE D 148 15.54 -7.47 20.76
CA PHE D 148 16.12 -8.52 19.93
C PHE D 148 17.66 -8.47 20.00
N TYR D 149 18.27 -7.30 19.77
CA TYR D 149 19.73 -7.20 19.83
C TYR D 149 20.25 -7.50 21.25
N GLY D 150 19.53 -6.98 22.24
CA GLY D 150 19.96 -7.18 23.63
C GLY D 150 19.90 -8.67 23.95
N LEU D 151 18.86 -9.38 23.47
CA LEU D 151 18.75 -10.82 23.67
C LEU D 151 19.95 -11.54 23.03
N MET D 152 20.26 -11.20 21.78
CA MET D 152 21.34 -11.90 21.12
C MET D 152 22.68 -11.60 21.77
N ASP D 153 22.82 -10.38 22.27
CA ASP D 153 24.09 -10.01 22.92
C ASP D 153 24.22 -10.79 24.24
N GLU D 154 23.10 -11.01 24.93
CA GLU D 154 23.09 -11.80 26.19
C GLU D 154 23.45 -13.23 25.90
N ILE D 155 22.85 -13.79 24.86
CA ILE D 155 23.13 -15.15 24.51
C ILE D 155 24.62 -15.33 24.21
N SER D 156 25.16 -14.46 23.33
CA SER D 156 26.59 -14.49 22.95
C SER D 156 27.48 -14.46 24.16
N ARG D 157 27.12 -13.49 24.96
CA ARG D 157 27.71 -13.05 26.21
C ARG D 157 27.88 -14.09 27.28
N HIS D 158 26.72 -14.60 27.64
CA HIS D 158 26.56 -15.48 28.77
C HIS D 158 25.99 -16.90 28.57
N HIS D 159 25.26 -17.18 27.49
CA HIS D 159 24.64 -18.50 27.35
C HIS D 159 24.54 -18.78 25.87
N PRO D 160 25.65 -19.14 25.25
CA PRO D 160 25.64 -19.40 23.81
C PRO D 160 24.90 -20.57 23.15
N HIS D 161 24.57 -21.52 24.12
CA HIS D 161 23.81 -22.68 23.75
C HIS D 161 22.32 -22.46 23.60
N ILE D 162 21.80 -21.28 24.05
CA ILE D 162 20.40 -21.04 24.20
C ILE D 162 20.16 -20.66 22.77
N ARG D 163 18.98 -20.93 22.27
CA ARG D 163 18.66 -20.48 20.91
C ARG D 163 17.59 -19.41 21.05
N GLY D 164 17.87 -18.21 20.59
CA GLY D 164 16.91 -17.17 20.71
C GLY D 164 16.67 -16.34 19.47
N GLY D 165 15.59 -15.57 19.52
CA GLY D 165 15.29 -14.69 18.39
C GLY D 165 14.04 -13.87 18.62
N PHE D 166 13.51 -13.27 17.55
CA PHE D 166 12.38 -12.36 17.66
C PHE D 166 11.36 -12.65 16.58
N ILE D 167 10.08 -12.44 16.91
CA ILE D 167 9.05 -12.57 15.88
C ILE D 167 8.12 -11.38 16.00
N HIS D 168 7.90 -10.67 14.88
CA HIS D 168 6.87 -9.63 14.89
C HIS D 168 5.55 -10.18 14.41
N ILE D 169 4.51 -9.55 14.94
CA ILE D 169 3.13 -9.91 14.57
C ILE D 169 2.39 -8.67 14.10
N PRO D 170 1.36 -8.85 13.26
CA PRO D 170 0.58 -7.70 12.76
C PRO D 170 -0.37 -7.16 13.84
N TYR D 171 -1.11 -6.13 13.45
CA TYR D 171 -2.19 -5.65 14.29
C TYR D 171 -3.24 -6.75 14.40
N ILE D 172 -4.11 -6.66 15.42
CA ILE D 172 -5.32 -7.54 15.53
C ILE D 172 -6.42 -6.62 14.96
N PRO D 173 -7.52 -7.21 14.48
CA PRO D 173 -8.56 -6.36 13.89
C PRO D 173 -9.14 -5.22 14.68
N GLU D 174 -9.25 -5.40 15.99
CA GLU D 174 -9.81 -4.35 16.80
C GLU D 174 -8.94 -3.11 16.91
N GLN D 175 -7.70 -3.20 16.42
CA GLN D 175 -6.80 -2.04 16.38
C GLN D 175 -6.89 -1.29 15.07
N THR D 176 -7.74 -1.75 14.15
CA THR D 176 -7.81 -1.18 12.82
C THR D 176 -9.19 -0.64 12.49
N LEU D 177 -9.92 -0.22 13.51
CA LEU D 177 -11.28 0.31 13.29
C LEU D 177 -11.37 1.78 12.87
N GLN D 178 -10.40 2.60 13.25
CA GLN D 178 -10.45 4.03 12.94
C GLN D 178 -9.53 4.38 11.79
N LYS D 179 -8.56 3.54 11.49
CA LYS D 179 -7.67 3.83 10.36
C LYS D 179 -7.43 2.47 9.77
N SER D 180 -7.74 2.30 8.49
CA SER D 180 -7.60 1.01 7.91
C SER D 180 -6.17 0.54 7.89
N ALA D 181 -6.01 -0.75 8.16
CA ALA D 181 -4.70 -1.37 8.15
C ALA D 181 -4.91 -2.91 8.18
N PRO D 182 -3.92 -3.67 7.72
CA PRO D 182 -4.02 -5.12 7.74
C PRO D 182 -3.96 -5.65 9.18
N SER D 183 -4.49 -6.85 9.37
CA SER D 183 -4.47 -7.46 10.68
C SER D 183 -4.61 -8.94 10.54
N LEU D 184 -4.34 -9.65 11.64
CA LEU D 184 -4.56 -11.09 11.75
C LEU D 184 -5.27 -11.27 13.10
N SER D 185 -6.12 -12.29 13.19
CA SER D 185 -6.88 -12.48 14.42
C SER D 185 -5.97 -12.87 15.59
N LEU D 186 -6.41 -12.53 16.79
CA LEU D 186 -5.56 -12.86 17.95
C LEU D 186 -5.47 -14.38 18.02
N ASP D 187 -6.54 -15.10 17.65
CA ASP D 187 -6.44 -16.58 17.72
C ASP D 187 -5.42 -17.11 16.72
N HIS D 188 -5.37 -16.52 15.53
CA HIS D 188 -4.40 -16.99 14.52
C HIS D 188 -2.98 -16.61 14.95
N ILE D 189 -2.81 -15.45 15.55
CA ILE D 189 -1.46 -15.02 15.99
C ILE D 189 -1.03 -16.00 17.09
N THR D 190 -1.94 -16.32 18.02
CA THR D 190 -1.57 -17.20 19.11
C THR D 190 -1.20 -18.56 18.60
N LYS D 191 -1.95 -19.06 17.64
CA LYS D 191 -1.63 -20.38 17.10
C LYS D 191 -0.27 -20.33 16.40
N ALA D 192 -0.01 -19.25 15.67
CA ALA D 192 1.28 -19.17 14.98
C ALA D 192 2.47 -19.14 15.95
N LEU D 193 2.32 -18.42 17.06
CA LEU D 193 3.37 -18.31 18.06
C LEU D 193 3.57 -19.70 18.71
N LYS D 194 2.48 -20.42 18.98
CA LYS D 194 2.65 -21.75 19.56
C LYS D 194 3.40 -22.68 18.54
N ILE D 195 3.05 -22.62 17.26
CA ILE D 195 3.77 -23.39 16.21
C ILE D 195 5.25 -23.00 16.22
N ALA D 196 5.54 -21.70 16.34
CA ALA D 196 6.94 -21.28 16.39
C ALA D 196 7.69 -21.90 17.54
N ALA D 197 7.07 -21.90 18.71
CA ALA D 197 7.68 -22.47 19.91
C ALA D 197 7.93 -23.95 19.75
N VAL D 198 6.90 -24.68 19.30
CA VAL D 198 7.06 -26.14 19.08
C VAL D 198 8.14 -26.45 18.03
N THR D 199 8.12 -25.69 16.95
CA THR D 199 9.07 -25.91 15.86
C THR D 199 10.49 -25.68 16.36
N ALA D 200 10.68 -24.61 17.12
CA ALA D 200 11.99 -24.33 17.61
C ALA D 200 12.46 -25.42 18.58
N ALA D 201 11.52 -25.93 19.39
CA ALA D 201 11.90 -26.96 20.37
C ALA D 201 12.24 -28.26 19.69
N ALA D 202 11.57 -28.53 18.58
CA ALA D 202 11.78 -29.78 17.85
C ALA D 202 13.00 -29.76 16.98
N HIS D 203 13.43 -28.58 16.55
CA HIS D 203 14.56 -28.46 15.64
C HIS D 203 15.58 -27.40 15.96
N GLU D 204 16.81 -27.82 16.16
CA GLU D 204 17.90 -26.92 16.39
C GLU D 204 18.34 -26.28 15.04
N ASP D 205 18.26 -27.07 13.98
CA ASP D 205 18.67 -26.68 12.63
C ASP D 205 17.58 -26.13 11.74
N ASP D 206 17.91 -25.19 10.87
CA ASP D 206 16.89 -24.66 9.97
C ASP D 206 16.93 -25.42 8.64
N ILE D 207 15.91 -25.22 7.79
CA ILE D 207 15.81 -25.84 6.47
C ILE D 207 16.40 -24.89 5.43
PT1 TPT E . 18.13 -4.47 -6.38
N1 TPT E . 18.66 -4.66 -8.33
N2 TPT E . 16.53 -5.39 -7.14
N3 TPT E . 16.92 -4.66 -4.70
C1 TPT E . 19.84 -4.21 -8.83
C2 TPT E . 20.15 -4.30 -10.16
C3 TPT E . 19.19 -4.90 -10.99
C4 TPT E . 18.02 -5.36 -10.47
C5 TPT E . 17.70 -5.25 -9.12
C6 TPT E . 16.45 -5.71 -8.43
C7 TPT E . 15.34 -6.35 -8.97
C8 TPT E . 14.25 -6.68 -8.13
C9 TPT E . 14.28 -6.37 -6.78
C10 TPT E . 15.43 -5.71 -6.29
C11 TPT E . 15.68 -5.27 -4.91
C12 TPT E . 14.77 -5.43 -3.84
C13 TPT E . 15.12 -4.96 -2.56
C14 TPT E . 16.39 -4.32 -2.33
C15 TPT E . 17.25 -4.20 -3.46
PT1 TPT F . -10.45 16.43 -3.89
N1 TPT F . -9.98 18.36 -3.30
N2 TPT F . -9.59 16.18 -2.07
N3 TPT F . -10.51 14.39 -3.69
C1 TPT F . -10.22 19.47 -4.06
C2 TPT F . -9.83 20.72 -3.67
C3 TPT F . -9.18 20.84 -2.41
C4 TPT F . -8.95 19.74 -1.63
C5 TPT F . -9.34 18.47 -2.07
C6 TPT F . -9.13 17.21 -1.33
C7 TPT F . -8.52 17.05 -0.07
C8 TPT F . -8.40 15.77 0.42
C9 TPT F . -8.85 14.66 -0.30
C10 TPT F . -9.45 14.90 -1.56
C11 TPT F . -9.97 13.90 -2.50
C12 TPT F . -9.93 12.50 -2.29
C13 TPT F . -10.44 11.64 -3.27
C14 TPT F . -10.99 12.14 -4.49
C15 TPT F . -11.00 13.55 -4.63
PT1 TPT G . -15.32 -9.88 -7.70
N1 TPT G . -14.43 -8.00 -7.61
N2 TPT G . -13.46 -10.20 -8.44
N3 TPT G . -15.38 -11.88 -8.08
C1 TPT G . -15.01 -6.88 -7.13
C2 TPT G . -14.33 -5.64 -7.04
C3 TPT G . -13.00 -5.58 -7.51
C4 TPT G . -12.40 -6.71 -8.01
C5 TPT G . -13.10 -7.95 -8.06
C6 TPT G . -12.54 -9.22 -8.56
C7 TPT G . -11.24 -9.43 -9.07
C8 TPT G . -10.93 -10.74 -9.46
C9 TPT G . -11.84 -11.77 -9.33
C10 TPT G . -13.12 -11.48 -8.81
C11 TPT G . -14.22 -12.43 -8.59
C12 TPT G . -14.14 -13.81 -8.85
C13 TPT G . -15.24 -14.62 -8.56
C14 TPT G . -16.48 -14.07 -8.03
C15 TPT G . -16.47 -12.69 -7.81
PT1 TPT H . 7.76 -2.29 18.22
N1 TPT H . 6.82 -1.83 20.01
N2 TPT H . 6.76 -0.60 17.78
N3 TPT H . 8.27 -2.04 16.25
C1 TPT H . 6.91 -2.61 21.12
C2 TPT H . 6.20 -2.30 22.28
C3 TPT H . 5.38 -1.14 22.28
C4 TPT H . 5.28 -0.34 21.17
C5 TPT H . 6.01 -0.69 19.98
C6 TPT H . 5.99 0.06 18.69
C7 TPT H . 5.27 1.24 18.40
C8 TPT H . 5.38 1.76 17.10
C9 TPT H . 6.16 1.11 16.12
C10 TPT H . 6.86 -0.08 16.49
C11 TPT H . 7.72 -0.93 15.64
C12 TPT H . 7.99 -0.68 14.26
C13 TPT H . 8.81 -1.58 13.55
C14 TPT H . 9.38 -2.73 14.19
C15 TPT H . 9.06 -2.89 15.57
PT1 TPT I . 27.54 -22.21 26.69
N1 TPT I . 25.90 -22.16 28.03
N2 TPT I . 28.23 -21.04 28.22
N3 TPT I . 29.48 -21.73 26.00
C1 TPT I . 24.71 -22.78 27.82
C2 TPT I . 23.65 -22.71 28.76
C3 TPT I . 23.84 -21.95 29.98
C4 TPT I . 25.05 -21.31 30.22
C5 TPT I . 26.13 -21.40 29.24
C6 TPT I . 27.49 -20.75 29.35
C7 TPT I . 27.96 -19.96 30.42
C8 TPT I . 29.27 -19.44 30.33
C9 TPT I . 30.08 -19.71 29.19
C10 TPT I . 29.55 -20.51 28.14
C11 TPT I . 30.23 -20.91 26.85
C12 TPT I . 31.56 -20.53 26.47
C13 TPT I . 32.09 -20.97 25.25
C14 TPT I . 31.32 -21.82 24.34
C15 TPT I . 30.02 -22.15 24.78
#